data_1XDI
#
_entry.id   1XDI
#
_cell.length_a   244.200
_cell.length_b   244.200
_cell.length_c   104.800
_cell.angle_alpha   90.00
_cell.angle_beta   90.00
_cell.angle_gamma   120.00
#
_symmetry.space_group_name_H-M   'H 3 2'
#
loop_
_entity.id
_entity.type
_entity.pdbx_description
1 polymer Rv3303c-lpdA
2 non-polymer 'FLAVIN-ADENINE DINUCLEOTIDE'
3 water water
#
_entity_poly.entity_id   1
_entity_poly.type   'polypeptide(L)'
_entity_poly.pdbx_seq_one_letter_code
;MVTRIVILGGGPAGYEAALVAATSHPETTQVTVIDCDGIGGAAVLDDCVPSKTFIASTGLRTELRRAPHLGFHIDFDDAK
ISLPQIHARVKTLAAAQSADITAQLLSMGVQVIAGRGELIDSTPGLARHRIKATAADGSTSEHEADVVLVATGASPRILP
SAQPDGERILTWRQLYDLDALPDHLIVVGSGVTGAEFVDAYTELGVPVTVVASQDHVLPYEDADAALVLEESFAERGVRL
FKNARAASVTRTGAGVLVTMTDGRTVEGSHALMTIGSVPNTSGLGLERVGIQLGRGNYLTVDRVSRTLATGIYAAGDCTG
LLPLASVAAMQGRIAMYHALGEGVSPIRLRTVAATVFTRPEIAAVGVPQSVIDAGSVAARTIMLPLRTNARAKMSEMRHG
FVKIFCRRSTGVVIGGVVVAPIASELILPIAVAVQNRITVNELAQTLAVYPSLSGSITEAARRLMAHDDLDCTAAQDAAE
QLALVPHHLPTSNHHHHHH
;
_entity_poly.pdbx_strand_id   A,B
#
loop_
_chem_comp.id
_chem_comp.type
_chem_comp.name
_chem_comp.formula
FAD non-polymer 'FLAVIN-ADENINE DINUCLEOTIDE' 'C27 H33 N9 O15 P2'
#
# COMPACT_ATOMS: atom_id res chain seq x y z
N VAL A 2 34.07 -26.67 -7.35
CA VAL A 2 32.72 -26.03 -7.38
C VAL A 2 31.81 -26.66 -6.33
N THR A 3 31.05 -25.82 -5.62
CA THR A 3 30.16 -26.36 -4.64
C THR A 3 28.79 -26.74 -5.29
N ARG A 4 28.39 -27.98 -5.05
CA ARG A 4 27.13 -28.55 -5.58
C ARG A 4 25.89 -28.35 -4.70
N ILE A 5 24.96 -27.50 -5.12
CA ILE A 5 23.75 -27.32 -4.32
C ILE A 5 22.56 -28.11 -4.92
N VAL A 6 21.95 -28.99 -4.11
CA VAL A 6 20.76 -29.71 -4.55
C VAL A 6 19.62 -29.37 -3.55
N ILE A 7 18.53 -28.87 -4.12
CA ILE A 7 17.34 -28.43 -3.42
C ILE A 7 16.16 -29.41 -3.71
N LEU A 8 15.60 -29.98 -2.64
CA LEU A 8 14.46 -30.87 -2.81
C LEU A 8 13.28 -29.95 -2.63
N GLY A 9 12.49 -29.82 -3.69
CA GLY A 9 11.29 -28.99 -3.62
C GLY A 9 11.43 -27.64 -4.25
N GLY A 10 10.46 -27.21 -5.05
CA GLY A 10 10.60 -25.93 -5.69
C GLY A 10 9.62 -24.81 -5.39
N GLY A 11 9.11 -24.71 -4.16
CA GLY A 11 8.22 -23.61 -3.88
C GLY A 11 9.03 -22.45 -3.35
N PRO A 12 8.42 -21.39 -2.75
CA PRO A 12 9.21 -20.27 -2.23
C PRO A 12 10.46 -20.74 -1.47
N ALA A 13 10.33 -21.66 -0.52
CA ALA A 13 11.55 -22.06 0.15
C ALA A 13 12.65 -22.41 -0.87
N GLY A 14 12.38 -23.36 -1.74
CA GLY A 14 13.40 -23.82 -2.66
C GLY A 14 13.81 -22.93 -3.81
N TYR A 15 12.82 -22.47 -4.55
CA TYR A 15 13.15 -21.70 -5.72
C TYR A 15 13.73 -20.41 -5.40
N GLU A 16 13.72 -20.02 -4.15
CA GLU A 16 14.14 -18.71 -3.98
C GLU A 16 15.27 -18.68 -3.12
N ALA A 17 15.83 -19.89 -2.99
CA ALA A 17 17.05 -20.19 -2.24
C ALA A 17 18.01 -20.43 -3.41
N ALA A 18 17.46 -21.02 -4.48
CA ALA A 18 18.22 -21.30 -5.69
C ALA A 18 18.53 -19.99 -6.37
N LEU A 19 17.53 -19.13 -6.41
CA LEU A 19 17.65 -17.83 -7.03
C LEU A 19 18.81 -17.09 -6.44
N VAL A 20 18.86 -17.03 -5.10
CA VAL A 20 19.92 -16.34 -4.35
C VAL A 20 21.21 -17.02 -4.59
N ALA A 21 21.18 -18.35 -4.66
CA ALA A 21 22.38 -19.15 -4.89
C ALA A 21 23.06 -18.85 -6.18
N ALA A 22 22.35 -19.10 -7.28
CA ALA A 22 22.84 -18.84 -8.63
C ALA A 22 23.07 -17.36 -8.97
N THR A 23 22.35 -16.44 -8.34
CA THR A 23 22.48 -15.03 -8.69
C THR A 23 23.71 -14.40 -8.08
N SER A 24 24.01 -14.76 -6.84
CA SER A 24 25.18 -14.18 -6.20
C SER A 24 26.48 -14.96 -6.36
N HIS A 25 26.40 -16.20 -6.85
CA HIS A 25 27.61 -17.01 -7.00
C HIS A 25 27.63 -17.80 -8.27
N PRO A 26 27.32 -17.16 -9.42
CA PRO A 26 27.28 -17.78 -10.74
C PRO A 26 28.43 -18.73 -11.06
N GLU A 27 29.66 -18.37 -10.72
CA GLU A 27 30.76 -19.26 -11.06
C GLU A 27 31.37 -20.22 -10.06
N THR A 28 30.89 -20.18 -8.81
CA THR A 28 31.45 -21.07 -7.81
C THR A 28 30.42 -22.15 -7.47
N THR A 29 29.22 -22.04 -8.03
CA THR A 29 28.18 -23.04 -7.75
C THR A 29 27.48 -23.74 -8.91
N GLN A 30 26.84 -24.86 -8.57
CA GLN A 30 26.04 -25.59 -9.54
C GLN A 30 24.73 -25.93 -8.80
N VAL A 31 23.68 -25.19 -9.10
CA VAL A 31 22.41 -25.38 -8.42
C VAL A 31 21.42 -26.30 -9.17
N THR A 32 20.99 -27.35 -8.51
CA THR A 32 20.00 -28.25 -9.08
C THR A 32 18.76 -28.20 -8.22
N VAL A 33 17.58 -27.98 -8.79
CA VAL A 33 16.29 -27.96 -8.03
C VAL A 33 15.52 -29.19 -8.51
N ILE A 34 15.23 -30.14 -7.63
CA ILE A 34 14.46 -31.37 -7.95
C ILE A 34 13.11 -31.13 -7.27
N ASP A 35 12.11 -30.85 -8.09
CA ASP A 35 10.74 -30.57 -7.64
C ASP A 35 9.80 -31.47 -8.43
N CYS A 36 8.78 -32.00 -7.77
CA CYS A 36 7.89 -32.89 -8.49
C CYS A 36 6.67 -32.21 -9.08
N ASP A 37 6.12 -31.22 -8.42
CA ASP A 37 4.92 -30.65 -9.01
C ASP A 37 5.06 -29.44 -9.90
N GLY A 38 6.23 -28.82 -9.92
CA GLY A 38 6.37 -27.66 -10.76
C GLY A 38 6.67 -26.44 -9.95
N ILE A 39 7.74 -25.75 -10.40
CA ILE A 39 8.29 -24.53 -9.82
C ILE A 39 7.26 -23.52 -9.37
N GLY A 40 7.32 -23.20 -8.07
CA GLY A 40 6.39 -22.27 -7.47
C GLY A 40 5.76 -23.06 -6.37
N GLY A 41 5.88 -24.39 -6.50
CA GLY A 41 5.30 -25.30 -5.53
C GLY A 41 3.83 -25.08 -5.24
N ALA A 42 3.34 -25.70 -4.18
CA ALA A 42 1.94 -25.58 -3.79
C ALA A 42 1.51 -24.17 -3.48
N ALA A 43 2.42 -23.36 -2.96
CA ALA A 43 2.10 -21.96 -2.65
C ALA A 43 1.55 -21.24 -3.88
N VAL A 44 2.18 -21.50 -5.02
CA VAL A 44 1.82 -20.89 -6.29
C VAL A 44 0.79 -21.67 -7.12
N LEU A 45 0.94 -22.98 -7.13
CA LEU A 45 0.06 -23.84 -7.92
C LEU A 45 -1.22 -24.35 -7.22
N ASP A 46 -1.21 -24.30 -5.89
CA ASP A 46 -2.30 -24.89 -5.16
C ASP A 46 -3.06 -24.11 -4.12
N ASP A 47 -2.29 -23.64 -3.14
CA ASP A 47 -2.85 -22.95 -2.04
C ASP A 47 -2.90 -21.42 -2.11
N CYS A 48 -1.74 -20.81 -1.88
CA CYS A 48 -1.62 -19.37 -1.83
C CYS A 48 -2.05 -18.55 -3.08
N VAL A 49 -1.21 -18.51 -4.10
CA VAL A 49 -1.58 -17.76 -5.30
C VAL A 49 -3.07 -17.95 -5.75
N PRO A 50 -3.58 -19.20 -5.85
CA PRO A 50 -4.99 -19.46 -6.25
C PRO A 50 -6.07 -18.85 -5.31
N SER A 51 -6.07 -19.18 -4.01
CA SER A 51 -7.07 -18.56 -3.11
C SER A 51 -7.10 -17.02 -3.26
N LYS A 52 -5.92 -16.38 -3.29
CA LYS A 52 -5.86 -14.93 -3.44
C LYS A 52 -6.43 -14.54 -4.78
N THR A 53 -6.25 -15.37 -5.80
CA THR A 53 -6.80 -15.05 -7.12
C THR A 53 -8.31 -15.16 -6.97
N PHE A 54 -8.76 -16.31 -6.52
CA PHE A 54 -10.20 -16.54 -6.30
C PHE A 54 -10.84 -15.38 -5.55
N ILE A 55 -10.20 -14.97 -4.45
CA ILE A 55 -10.68 -13.89 -3.60
C ILE A 55 -10.68 -12.54 -4.29
N ALA A 56 -9.73 -12.32 -5.19
CA ALA A 56 -9.63 -11.06 -5.92
C ALA A 56 -10.77 -10.91 -6.91
N SER A 57 -11.18 -12.03 -7.50
CA SER A 57 -12.29 -12.06 -8.45
C SER A 57 -13.56 -11.77 -7.69
N THR A 58 -13.69 -12.40 -6.54
CA THR A 58 -14.85 -12.24 -5.65
C THR A 58 -15.00 -10.75 -5.37
N GLY A 59 -13.87 -10.11 -5.16
CA GLY A 59 -13.87 -8.70 -4.87
C GLY A 59 -14.72 -7.86 -5.78
N LEU A 60 -14.58 -8.05 -7.08
CA LEU A 60 -15.36 -7.30 -8.04
C LEU A 60 -16.85 -7.26 -7.58
N ARG A 61 -17.45 -8.39 -7.27
CA ARG A 61 -18.84 -8.31 -6.87
C ARG A 61 -19.06 -7.33 -5.70
N THR A 62 -18.18 -7.41 -4.69
CA THR A 62 -18.24 -6.55 -3.52
C THR A 62 -18.52 -5.18 -4.08
N GLU A 63 -17.53 -4.61 -4.76
CA GLU A 63 -17.65 -3.30 -5.39
C GLU A 63 -18.92 -3.24 -6.23
N LEU A 64 -18.82 -3.57 -7.51
CA LEU A 64 -19.97 -3.56 -8.43
C LEU A 64 -21.28 -3.04 -7.82
N ARG A 65 -22.01 -3.88 -7.11
CA ARG A 65 -23.27 -3.40 -6.57
C ARG A 65 -23.21 -2.30 -5.50
N ARG A 66 -22.12 -1.55 -5.50
CA ARG A 66 -21.88 -0.44 -4.59
C ARG A 66 -21.83 0.78 -5.56
N ALA A 67 -22.25 0.50 -6.80
CA ALA A 67 -22.28 1.45 -7.91
C ALA A 67 -23.16 2.65 -7.65
N PRO A 68 -24.33 2.42 -7.05
CA PRO A 68 -25.21 3.55 -6.78
C PRO A 68 -24.63 4.66 -5.89
N HIS A 69 -23.98 4.30 -4.78
CA HIS A 69 -23.42 5.32 -3.89
C HIS A 69 -22.50 6.17 -4.73
N LEU A 70 -21.93 5.56 -5.75
CA LEU A 70 -21.01 6.30 -6.56
C LEU A 70 -21.53 6.99 -7.80
N GLY A 71 -22.83 6.84 -8.06
CA GLY A 71 -23.43 7.49 -9.22
C GLY A 71 -23.65 6.60 -10.43
N PHE A 72 -23.38 5.31 -10.25
CA PHE A 72 -23.55 4.33 -11.33
C PHE A 72 -24.72 3.43 -10.94
N HIS A 73 -25.60 3.09 -11.87
CA HIS A 73 -26.75 2.21 -11.56
C HIS A 73 -27.69 2.80 -10.53
N LYS A 80 -25.57 -12.32 -13.96
CA LYS A 80 -24.91 -13.62 -13.99
C LYS A 80 -23.47 -13.63 -13.44
N ILE A 81 -23.17 -14.60 -12.60
CA ILE A 81 -21.84 -14.82 -12.02
C ILE A 81 -21.42 -16.11 -12.67
N SER A 82 -20.29 -16.13 -13.37
CA SER A 82 -19.85 -17.36 -14.04
C SER A 82 -18.73 -18.12 -13.39
N LEU A 83 -19.01 -18.88 -12.35
CA LEU A 83 -17.97 -19.62 -11.64
C LEU A 83 -16.90 -20.30 -12.51
N PRO A 84 -17.30 -20.97 -13.60
CA PRO A 84 -16.29 -21.62 -14.42
C PRO A 84 -15.23 -20.69 -14.98
N GLN A 85 -15.60 -19.48 -15.40
CA GLN A 85 -14.53 -18.62 -15.90
C GLN A 85 -13.67 -18.07 -14.75
N ILE A 86 -14.23 -17.93 -13.55
CA ILE A 86 -13.44 -17.48 -12.41
C ILE A 86 -12.36 -18.57 -12.18
N HIS A 87 -12.81 -19.82 -12.05
CA HIS A 87 -11.93 -20.98 -11.84
C HIS A 87 -10.87 -21.03 -12.98
N ALA A 88 -11.31 -20.84 -14.21
CA ALA A 88 -10.39 -20.89 -15.35
C ALA A 88 -9.30 -19.82 -15.20
N ARG A 89 -9.67 -18.72 -14.53
CA ARG A 89 -8.73 -17.63 -14.34
C ARG A 89 -7.86 -18.06 -13.21
N VAL A 90 -8.42 -18.88 -12.33
CA VAL A 90 -7.62 -19.32 -11.21
C VAL A 90 -6.53 -20.26 -11.68
N LYS A 91 -6.85 -21.22 -12.56
CA LYS A 91 -5.79 -22.11 -12.96
C LYS A 91 -4.86 -21.35 -13.85
N THR A 92 -5.42 -20.72 -14.86
CA THR A 92 -4.62 -19.96 -15.81
C THR A 92 -3.52 -19.01 -15.24
N LEU A 93 -3.90 -18.14 -14.30
CA LEU A 93 -2.97 -17.21 -13.63
C LEU A 93 -1.90 -18.00 -12.85
N ALA A 94 -2.35 -19.04 -12.16
CA ALA A 94 -1.46 -19.89 -11.39
C ALA A 94 -0.33 -20.35 -12.29
N ALA A 95 -0.72 -20.87 -13.47
CA ALA A 95 0.16 -21.41 -14.48
C ALA A 95 1.20 -20.41 -14.95
N ALA A 96 0.83 -19.14 -15.05
CA ALA A 96 1.75 -18.10 -15.51
C ALA A 96 2.80 -17.73 -14.44
N GLN A 97 2.36 -17.71 -13.19
CA GLN A 97 3.22 -17.40 -12.07
C GLN A 97 4.28 -18.51 -12.02
N SER A 98 3.88 -19.73 -12.34
CA SER A 98 4.78 -20.83 -12.31
C SER A 98 5.71 -20.74 -13.51
N ALA A 99 5.17 -20.36 -14.65
CA ALA A 99 6.03 -20.27 -15.82
C ALA A 99 7.09 -19.16 -15.72
N ASP A 100 6.72 -18.01 -15.13
CA ASP A 100 7.65 -16.91 -14.96
C ASP A 100 8.81 -17.35 -14.11
N ILE A 101 8.55 -18.04 -13.00
CA ILE A 101 9.63 -18.50 -12.11
C ILE A 101 10.54 -19.58 -12.74
N THR A 102 9.92 -20.50 -13.46
CA THR A 102 10.74 -21.53 -14.06
C THR A 102 11.71 -20.86 -15.01
N ALA A 103 11.19 -19.94 -15.83
CA ALA A 103 12.01 -19.29 -16.82
C ALA A 103 13.18 -18.50 -16.16
N GLN A 104 12.92 -17.88 -15.02
CA GLN A 104 13.97 -17.15 -14.37
C GLN A 104 15.06 -18.10 -13.88
N LEU A 105 14.66 -19.19 -13.20
CA LEU A 105 15.60 -20.18 -12.70
C LEU A 105 16.43 -20.69 -13.86
N LEU A 106 15.72 -21.12 -14.91
CA LEU A 106 16.30 -21.69 -16.12
C LEU A 106 17.30 -20.83 -16.87
N SER A 107 17.03 -19.54 -16.97
CA SER A 107 17.93 -18.64 -17.69
C SER A 107 19.02 -18.20 -16.77
N MET A 108 18.83 -18.45 -15.47
CA MET A 108 19.85 -18.07 -14.50
C MET A 108 20.82 -19.26 -14.39
N GLY A 109 20.52 -20.27 -15.19
CA GLY A 109 21.38 -21.44 -15.24
C GLY A 109 21.11 -22.48 -14.18
N VAL A 110 19.94 -22.42 -13.59
CA VAL A 110 19.62 -23.41 -12.58
C VAL A 110 19.11 -24.64 -13.33
N GLN A 111 19.59 -25.81 -12.95
CA GLN A 111 19.17 -27.12 -13.53
C GLN A 111 17.91 -27.64 -12.81
N VAL A 112 16.74 -27.47 -13.43
CA VAL A 112 15.50 -27.93 -12.84
C VAL A 112 15.25 -29.37 -13.27
N ILE A 113 14.98 -30.26 -12.32
CA ILE A 113 14.68 -31.68 -12.61
C ILE A 113 13.32 -32.06 -12.04
N ALA A 114 12.33 -32.24 -12.89
CA ALA A 114 10.99 -32.63 -12.46
C ALA A 114 11.00 -34.06 -11.93
N GLY A 115 10.76 -34.22 -10.63
CA GLY A 115 10.79 -35.53 -10.02
C GLY A 115 10.76 -35.43 -8.52
N ARG A 116 10.83 -36.57 -7.85
CA ARG A 116 10.78 -36.61 -6.42
C ARG A 116 12.21 -37.00 -6.03
N GLY A 117 12.81 -36.26 -5.09
CA GLY A 117 14.16 -36.55 -4.71
C GLY A 117 14.27 -37.18 -3.34
N GLU A 118 15.35 -37.94 -3.12
CA GLU A 118 15.55 -38.54 -1.82
C GLU A 118 17.04 -38.74 -1.57
N LEU A 119 17.42 -38.72 -0.29
CA LEU A 119 18.80 -38.93 0.17
C LEU A 119 19.17 -40.40 0.13
N ILE A 120 20.31 -40.76 -0.47
CA ILE A 120 20.70 -42.17 -0.49
C ILE A 120 22.11 -42.44 0.03
N ASP A 121 22.64 -41.55 0.89
CA ASP A 121 23.98 -41.71 1.47
C ASP A 121 24.36 -43.11 1.95
N SER A 122 25.56 -43.52 1.56
CA SER A 122 26.13 -44.81 1.89
C SER A 122 26.09 -45.15 3.40
N THR A 123 26.78 -44.34 4.19
CA THR A 123 26.88 -44.43 5.66
C THR A 123 26.17 -43.18 6.19
N PRO A 124 26.14 -42.94 7.53
CA PRO A 124 25.43 -41.70 7.86
C PRO A 124 26.29 -40.48 8.15
N GLY A 125 27.60 -40.64 8.26
CA GLY A 125 28.42 -39.47 8.59
C GLY A 125 29.29 -38.80 7.57
N LEU A 126 28.75 -38.46 6.40
CA LEU A 126 29.60 -37.82 5.42
C LEU A 126 29.37 -36.35 5.22
N ALA A 127 30.40 -35.70 4.71
CA ALA A 127 30.35 -34.28 4.42
C ALA A 127 29.48 -34.13 3.17
N ARG A 128 29.94 -34.66 2.04
CA ARG A 128 29.21 -34.57 0.79
C ARG A 128 28.11 -35.62 0.74
N HIS A 129 26.91 -35.21 0.34
CA HIS A 129 25.76 -36.10 0.27
C HIS A 129 25.43 -36.59 -1.10
N ARG A 130 24.46 -37.50 -1.15
CA ARG A 130 24.03 -38.06 -2.39
C ARG A 130 22.50 -38.14 -2.45
N ILE A 131 21.95 -37.59 -3.52
CA ILE A 131 20.50 -37.55 -3.70
C ILE A 131 20.04 -38.26 -4.96
N LYS A 132 18.85 -38.85 -4.93
CA LYS A 132 18.31 -39.58 -6.07
C LYS A 132 17.02 -38.93 -6.51
N ALA A 133 16.87 -38.68 -7.80
CA ALA A 133 15.62 -38.06 -8.28
C ALA A 133 14.84 -39.11 -9.01
N THR A 134 13.57 -39.28 -8.69
CA THR A 134 12.80 -40.28 -9.42
C THR A 134 11.77 -39.55 -10.21
N ALA A 135 11.79 -39.79 -11.51
CA ALA A 135 10.86 -39.14 -12.43
C ALA A 135 9.48 -39.79 -12.36
N ALA A 136 8.49 -39.18 -13.00
CA ALA A 136 7.16 -39.80 -13.02
C ALA A 136 7.22 -40.96 -14.03
N ASP A 137 8.27 -40.94 -14.86
CA ASP A 137 8.54 -41.97 -15.89
C ASP A 137 9.16 -43.20 -15.24
N GLY A 138 9.38 -43.14 -13.92
CA GLY A 138 9.99 -44.25 -13.24
C GLY A 138 11.52 -44.12 -13.29
N SER A 139 12.01 -43.38 -14.27
CA SER A 139 13.44 -43.15 -14.49
C SER A 139 14.16 -42.63 -13.23
N THR A 140 15.49 -42.68 -13.23
CA THR A 140 16.18 -42.17 -12.04
C THR A 140 17.58 -41.67 -12.31
N SER A 141 17.92 -40.55 -11.69
CA SER A 141 19.25 -40.02 -11.81
C SER A 141 19.81 -39.86 -10.37
N GLU A 142 21.13 -39.91 -10.18
CA GLU A 142 21.72 -39.74 -8.85
C GLU A 142 22.52 -38.45 -8.87
N HIS A 143 22.58 -37.72 -7.75
CA HIS A 143 23.29 -36.43 -7.69
C HIS A 143 24.13 -36.17 -6.42
N GLU A 144 25.37 -35.68 -6.55
CA GLU A 144 26.23 -35.40 -5.41
C GLU A 144 25.86 -34.04 -4.86
N ALA A 145 25.94 -33.88 -3.53
CA ALA A 145 25.57 -32.61 -2.93
C ALA A 145 26.41 -32.14 -1.75
N ASP A 146 27.07 -31.03 -2.02
CA ASP A 146 27.85 -30.45 -0.99
C ASP A 146 26.87 -29.85 0.04
N VAL A 147 25.86 -29.14 -0.44
CA VAL A 147 24.86 -28.49 0.39
C VAL A 147 23.50 -29.09 0.02
N VAL A 148 22.65 -29.46 0.96
CA VAL A 148 21.36 -30.00 0.58
C VAL A 148 20.30 -29.15 1.26
N LEU A 149 19.24 -28.78 0.55
CA LEU A 149 18.20 -27.93 1.14
C LEU A 149 16.86 -28.62 1.07
N VAL A 150 16.35 -29.17 2.17
CA VAL A 150 15.06 -29.87 2.16
C VAL A 150 13.88 -28.86 2.19
N ALA A 151 13.17 -28.73 1.07
CA ALA A 151 12.09 -27.74 0.98
C ALA A 151 10.85 -28.40 0.38
N THR A 152 10.37 -29.41 1.10
CA THR A 152 9.29 -30.19 0.59
C THR A 152 7.90 -29.78 0.92
N GLY A 153 7.76 -28.71 1.69
CA GLY A 153 6.45 -28.20 2.02
C GLY A 153 5.48 -29.12 2.75
N ALA A 154 4.21 -28.73 2.73
CA ALA A 154 3.16 -29.48 3.41
C ALA A 154 1.98 -29.94 2.50
N SER A 155 1.10 -30.79 3.10
CA SER A 155 -0.12 -31.32 2.43
C SER A 155 -1.33 -31.28 3.33
N PRO A 156 -2.56 -31.12 2.78
CA PRO A 156 -3.80 -31.07 3.58
C PRO A 156 -3.94 -32.15 4.61
N ARG A 157 -4.35 -31.81 5.82
CA ARG A 157 -4.60 -32.84 6.80
C ARG A 157 -5.94 -33.57 6.46
N ILE A 158 -6.03 -34.85 6.68
CA ILE A 158 -7.24 -35.53 6.33
C ILE A 158 -7.83 -36.29 7.47
N LEU A 159 -9.13 -36.06 7.72
CA LEU A 159 -9.85 -36.77 8.77
C LEU A 159 -10.35 -38.08 8.12
N PRO A 160 -9.96 -39.25 8.62
CA PRO A 160 -10.53 -40.39 7.90
C PRO A 160 -12.05 -40.49 7.93
N SER A 161 -12.69 -39.80 8.85
CA SER A 161 -14.13 -39.89 8.85
C SER A 161 -14.81 -38.83 7.97
N ALA A 162 -14.02 -38.21 7.09
CA ALA A 162 -14.53 -37.18 6.20
C ALA A 162 -13.48 -37.02 5.13
N GLN A 163 -13.29 -38.11 4.41
CA GLN A 163 -12.34 -38.14 3.34
C GLN A 163 -12.87 -37.33 2.17
N PRO A 164 -12.06 -36.38 1.67
CA PRO A 164 -12.38 -35.49 0.54
C PRO A 164 -12.76 -36.35 -0.62
N ASP A 165 -13.62 -35.87 -1.48
CA ASP A 165 -13.98 -36.74 -2.58
C ASP A 165 -13.98 -36.01 -3.88
N GLY A 166 -13.56 -34.76 -3.86
CA GLY A 166 -13.56 -34.00 -5.07
C GLY A 166 -14.92 -33.42 -5.42
N GLU A 167 -16.02 -34.05 -5.06
CA GLU A 167 -17.30 -33.49 -5.48
C GLU A 167 -18.04 -32.69 -4.44
N ARG A 168 -18.25 -33.31 -3.27
CA ARG A 168 -19.00 -32.75 -2.17
C ARG A 168 -18.20 -32.55 -0.89
N ILE A 169 -17.25 -33.45 -0.63
CA ILE A 169 -16.36 -33.37 0.53
C ILE A 169 -15.14 -32.73 -0.13
N LEU A 170 -14.81 -31.47 0.17
CA LEU A 170 -13.68 -30.78 -0.50
C LEU A 170 -12.55 -30.26 0.34
N THR A 171 -11.31 -30.34 -0.17
CA THR A 171 -10.18 -29.74 0.55
C THR A 171 -10.09 -28.38 -0.17
N TRP A 172 -9.38 -27.43 0.34
CA TRP A 172 -9.31 -26.17 -0.41
C TRP A 172 -8.70 -26.29 -1.82
N ARG A 173 -7.80 -27.27 -2.03
CA ARG A 173 -7.20 -27.44 -3.35
C ARG A 173 -8.24 -27.79 -4.40
N GLN A 174 -9.28 -28.51 -3.98
CA GLN A 174 -10.38 -28.91 -4.87
C GLN A 174 -11.52 -27.94 -5.20
N LEU A 175 -11.70 -26.87 -4.44
CA LEU A 175 -12.77 -25.92 -4.73
C LEU A 175 -12.98 -25.44 -6.21
N TYR A 176 -11.91 -25.29 -6.97
CA TYR A 176 -12.01 -24.75 -8.33
C TYR A 176 -12.37 -25.75 -9.36
N ASP A 177 -12.76 -26.92 -8.90
CA ASP A 177 -13.20 -27.97 -9.77
C ASP A 177 -14.70 -28.00 -9.93
N LEU A 178 -15.39 -27.20 -9.12
CA LEU A 178 -16.84 -27.11 -9.15
C LEU A 178 -17.27 -26.23 -10.32
N ASP A 179 -18.41 -26.54 -10.94
CA ASP A 179 -18.91 -25.73 -12.05
C ASP A 179 -20.08 -24.87 -11.66
N ALA A 180 -20.36 -24.80 -10.37
CA ALA A 180 -21.47 -23.99 -9.88
C ALA A 180 -21.33 -23.62 -8.41
N LEU A 181 -21.80 -22.45 -8.03
CA LEU A 181 -21.72 -22.07 -6.62
C LEU A 181 -22.52 -23.02 -5.72
N PRO A 182 -21.97 -23.39 -4.59
CA PRO A 182 -22.72 -24.27 -3.71
C PRO A 182 -24.02 -23.64 -3.25
N ASP A 183 -25.02 -24.45 -2.94
CA ASP A 183 -26.29 -23.94 -2.42
C ASP A 183 -26.16 -23.57 -0.97
N HIS A 184 -25.48 -24.43 -0.19
CA HIS A 184 -25.23 -24.22 1.23
C HIS A 184 -23.85 -24.78 1.55
N LEU A 185 -22.85 -23.90 1.69
CA LEU A 185 -21.49 -24.32 2.00
C LEU A 185 -21.20 -24.50 3.50
N ILE A 186 -20.76 -25.70 3.87
CA ILE A 186 -20.43 -25.92 5.24
C ILE A 186 -18.94 -26.00 5.23
N VAL A 187 -18.29 -25.15 6.03
CA VAL A 187 -16.84 -25.04 6.20
C VAL A 187 -16.42 -25.54 7.61
N VAL A 188 -15.64 -26.61 7.64
CA VAL A 188 -15.20 -27.19 8.90
C VAL A 188 -13.82 -26.73 9.34
N GLY A 189 -13.73 -26.09 10.49
CA GLY A 189 -12.44 -25.66 11.02
C GLY A 189 -12.16 -24.18 11.08
N SER A 190 -12.09 -23.58 12.27
CA SER A 190 -11.85 -22.16 12.27
C SER A 190 -10.34 -21.92 12.17
N GLY A 191 -9.96 -21.03 11.26
CA GLY A 191 -8.57 -20.70 11.02
C GLY A 191 -8.53 -19.63 9.93
N VAL A 192 -7.31 -19.21 9.61
CA VAL A 192 -7.09 -18.18 8.62
C VAL A 192 -7.54 -18.61 7.26
N THR A 193 -7.27 -19.87 6.91
CA THR A 193 -7.68 -20.28 5.58
C THR A 193 -9.15 -20.67 5.52
N GLY A 194 -9.80 -20.92 6.64
CA GLY A 194 -11.22 -21.16 6.54
C GLY A 194 -11.82 -19.75 6.54
N ALA A 195 -11.23 -18.87 7.35
CA ALA A 195 -11.78 -17.54 7.43
C ALA A 195 -11.84 -16.86 6.12
N GLU A 196 -10.75 -17.00 5.35
CA GLU A 196 -10.66 -16.35 4.05
C GLU A 196 -11.72 -16.82 3.04
N PHE A 197 -11.94 -18.14 2.97
CA PHE A 197 -12.91 -18.71 2.03
C PHE A 197 -14.35 -18.43 2.46
N VAL A 198 -14.64 -18.46 3.76
CA VAL A 198 -15.97 -18.16 4.20
C VAL A 198 -16.25 -16.75 3.66
N ASP A 199 -15.30 -15.84 3.86
CA ASP A 199 -15.48 -14.49 3.41
C ASP A 199 -15.66 -14.45 1.90
N ALA A 200 -14.77 -15.10 1.16
CA ALA A 200 -14.90 -15.10 -0.31
C ALA A 200 -16.26 -15.65 -0.79
N TYR A 201 -16.66 -16.83 -0.32
CA TYR A 201 -17.96 -17.39 -0.73
C TYR A 201 -19.19 -16.53 -0.30
N THR A 202 -19.16 -15.91 0.87
CA THR A 202 -20.25 -15.05 1.35
C THR A 202 -20.39 -13.87 0.37
N GLU A 203 -19.29 -13.47 -0.24
CA GLU A 203 -19.30 -12.36 -1.18
C GLU A 203 -19.85 -12.78 -2.52
N LEU A 204 -19.68 -14.04 -2.89
CA LEU A 204 -20.26 -14.50 -4.14
C LEU A 204 -21.73 -14.76 -3.90
N GLY A 205 -22.23 -14.39 -2.72
CA GLY A 205 -23.63 -14.64 -2.42
C GLY A 205 -23.97 -16.02 -1.86
N VAL A 206 -22.96 -16.83 -1.53
CA VAL A 206 -23.22 -18.16 -0.98
C VAL A 206 -23.46 -18.24 0.55
N PRO A 207 -24.43 -19.06 0.98
CA PRO A 207 -24.75 -19.24 2.40
C PRO A 207 -23.66 -20.10 3.01
N VAL A 208 -23.21 -19.77 4.21
CA VAL A 208 -22.11 -20.49 4.84
C VAL A 208 -22.41 -20.85 6.30
N THR A 209 -22.05 -22.04 6.68
CA THR A 209 -22.26 -22.46 8.05
C THR A 209 -20.90 -22.97 8.52
N VAL A 210 -20.34 -22.32 9.52
CA VAL A 210 -19.03 -22.72 9.99
C VAL A 210 -19.14 -23.60 11.24
N VAL A 211 -18.29 -24.63 11.29
CA VAL A 211 -18.21 -25.49 12.44
C VAL A 211 -16.82 -25.17 12.93
N ALA A 212 -16.75 -24.15 13.78
CA ALA A 212 -15.51 -23.65 14.36
C ALA A 212 -15.07 -24.34 15.68
N SER A 213 -13.77 -24.61 15.82
CA SER A 213 -13.27 -25.21 17.07
C SER A 213 -13.15 -24.13 18.10
N GLN A 214 -12.92 -22.91 17.66
CA GLN A 214 -12.75 -21.84 18.62
C GLN A 214 -14.02 -20.97 18.72
N ASP A 215 -13.85 -19.84 19.40
CA ASP A 215 -14.87 -18.83 19.61
C ASP A 215 -15.34 -18.09 18.37
N HIS A 216 -14.43 -17.95 17.41
CA HIS A 216 -14.70 -17.19 16.19
C HIS A 216 -14.40 -17.98 14.94
N VAL A 217 -14.98 -17.51 13.84
CA VAL A 217 -14.73 -18.11 12.54
C VAL A 217 -13.24 -17.89 12.32
N LEU A 218 -12.80 -16.66 12.59
CA LEU A 218 -11.40 -16.27 12.44
C LEU A 218 -10.86 -15.88 13.80
N PRO A 219 -10.32 -16.84 14.56
CA PRO A 219 -9.80 -16.40 15.84
C PRO A 219 -8.60 -15.60 15.42
N TYR A 220 -8.29 -14.52 16.12
CA TYR A 220 -7.18 -13.68 15.75
C TYR A 220 -6.52 -13.00 16.94
N GLU A 221 -5.20 -12.90 16.91
CA GLU A 221 -4.44 -12.30 18.02
C GLU A 221 -4.90 -10.95 18.52
N ASP A 222 -4.98 -9.98 17.63
CA ASP A 222 -5.40 -8.65 18.05
C ASP A 222 -6.91 -8.56 18.16
N ALA A 223 -7.37 -8.25 19.37
CA ALA A 223 -8.81 -8.17 19.67
C ALA A 223 -9.58 -7.24 18.76
N ASP A 224 -9.15 -5.99 18.70
CA ASP A 224 -9.82 -5.01 17.85
C ASP A 224 -10.02 -5.47 16.37
N ALA A 225 -9.02 -6.16 15.79
CA ALA A 225 -9.17 -6.63 14.40
C ALA A 225 -10.27 -7.69 14.34
N ALA A 226 -10.13 -8.65 15.26
CA ALA A 226 -11.01 -9.80 15.42
C ALA A 226 -12.47 -9.38 15.35
N LEU A 227 -12.75 -8.34 16.13
CA LEU A 227 -14.08 -7.79 16.21
C LEU A 227 -14.55 -7.26 14.87
N VAL A 228 -13.70 -6.50 14.22
CA VAL A 228 -14.04 -5.93 12.92
C VAL A 228 -14.54 -7.08 12.05
N LEU A 229 -13.86 -8.22 12.08
CA LEU A 229 -14.30 -9.29 11.21
C LEU A 229 -15.50 -10.05 11.72
N GLU A 230 -15.55 -10.31 13.03
CA GLU A 230 -16.71 -10.96 13.66
C GLU A 230 -17.98 -10.17 13.30
N GLU A 231 -18.02 -8.86 13.58
CA GLU A 231 -19.18 -8.06 13.22
C GLU A 231 -19.51 -8.20 11.73
N SER A 232 -18.48 -8.25 10.90
CA SER A 232 -18.66 -8.34 9.46
C SER A 232 -19.31 -9.66 9.04
N PHE A 233 -18.75 -10.80 9.41
CA PHE A 233 -19.37 -12.07 9.02
C PHE A 233 -20.82 -12.13 9.53
N ALA A 234 -21.04 -11.66 10.76
CA ALA A 234 -22.37 -11.70 11.34
C ALA A 234 -23.37 -10.88 10.56
N GLU A 235 -23.01 -9.66 10.15
CA GLU A 235 -23.95 -8.86 9.38
C GLU A 235 -24.22 -9.56 8.05
N ARG A 236 -23.20 -9.90 7.27
CA ARG A 236 -23.39 -10.59 5.98
C ARG A 236 -24.03 -11.97 6.21
N GLY A 237 -24.46 -12.25 7.44
CA GLY A 237 -25.16 -13.51 7.71
C GLY A 237 -24.49 -14.89 7.78
N VAL A 238 -23.18 -14.93 8.01
CA VAL A 238 -22.49 -16.19 8.16
C VAL A 238 -23.01 -16.85 9.45
N ARG A 239 -23.27 -18.14 9.36
CA ARG A 239 -23.81 -18.97 10.45
C ARG A 239 -22.65 -19.71 11.10
N LEU A 240 -22.56 -19.75 12.43
CA LEU A 240 -21.48 -20.56 13.01
C LEU A 240 -21.88 -21.34 14.27
N PHE A 241 -21.34 -22.56 14.41
CA PHE A 241 -21.53 -23.35 15.63
C PHE A 241 -20.15 -23.16 16.30
N LYS A 242 -20.10 -22.42 17.40
CA LYS A 242 -18.81 -22.22 18.11
C LYS A 242 -18.44 -23.48 18.84
N ASN A 243 -17.15 -23.67 19.08
CA ASN A 243 -16.61 -24.79 19.84
C ASN A 243 -17.10 -26.16 19.50
N ALA A 244 -17.07 -26.51 18.23
CA ALA A 244 -17.51 -27.80 17.84
C ALA A 244 -16.51 -28.36 16.86
N ARG A 245 -16.36 -29.67 16.86
CA ARG A 245 -15.46 -30.35 15.97
C ARG A 245 -16.34 -31.32 15.16
N ALA A 246 -15.97 -31.55 13.90
CA ALA A 246 -16.75 -32.46 13.12
C ALA A 246 -16.35 -33.91 13.40
N ALA A 247 -17.27 -34.68 13.97
CA ALA A 247 -17.08 -36.09 14.28
C ALA A 247 -16.95 -36.89 12.96
N SER A 248 -17.57 -36.38 11.89
CA SER A 248 -17.48 -37.02 10.57
C SER A 248 -18.20 -36.20 9.51
N VAL A 249 -17.95 -36.50 8.23
CA VAL A 249 -18.67 -35.82 7.14
C VAL A 249 -19.08 -36.87 6.12
N THR A 250 -20.37 -37.20 6.15
CA THR A 250 -21.00 -38.20 5.29
C THR A 250 -21.60 -37.57 4.06
N ARG A 251 -21.81 -38.39 3.05
CA ARG A 251 -22.44 -37.93 1.83
C ARG A 251 -23.90 -38.32 1.76
N THR A 252 -24.78 -37.33 1.66
CA THR A 252 -26.19 -37.65 1.63
C THR A 252 -26.69 -37.65 0.21
N GLY A 253 -28.00 -37.66 0.11
CA GLY A 253 -28.65 -37.65 -1.18
C GLY A 253 -27.94 -36.76 -2.16
N ALA A 254 -28.26 -35.48 -2.13
CA ALA A 254 -27.62 -34.59 -3.07
C ALA A 254 -26.64 -33.66 -2.37
N GLY A 255 -26.67 -33.67 -1.05
CA GLY A 255 -25.76 -32.80 -0.33
C GLY A 255 -24.70 -33.50 0.48
N VAL A 256 -24.58 -33.05 1.71
CA VAL A 256 -23.59 -33.56 2.62
C VAL A 256 -24.11 -33.46 4.08
N LEU A 257 -23.86 -34.50 4.89
CA LEU A 257 -24.29 -34.48 6.29
C LEU A 257 -23.12 -34.28 7.22
N VAL A 258 -23.02 -33.10 7.85
CA VAL A 258 -21.88 -32.91 8.77
C VAL A 258 -22.37 -33.28 10.18
N THR A 259 -21.62 -34.15 10.86
CA THR A 259 -22.01 -34.56 12.21
C THR A 259 -20.89 -34.20 13.16
N MET A 260 -21.21 -33.48 14.24
CA MET A 260 -20.12 -33.12 15.11
C MET A 260 -20.19 -33.82 16.45
N THR A 261 -19.01 -33.95 17.06
CA THR A 261 -18.81 -34.65 18.32
C THR A 261 -19.85 -34.50 19.41
N ASP A 262 -20.72 -33.52 19.27
CA ASP A 262 -21.77 -33.32 20.26
C ASP A 262 -23.06 -34.02 19.88
N GLY A 263 -23.11 -34.56 18.66
CA GLY A 263 -24.28 -35.24 18.18
C GLY A 263 -25.20 -34.48 17.22
N ARG A 264 -25.26 -33.15 17.35
CA ARG A 264 -26.11 -32.33 16.47
C ARG A 264 -25.61 -32.47 15.02
N THR A 265 -26.41 -32.08 14.03
CA THR A 265 -25.94 -32.20 12.65
C THR A 265 -26.29 -30.96 11.82
N VAL A 266 -25.62 -30.71 10.68
CA VAL A 266 -26.00 -29.59 9.77
C VAL A 266 -26.03 -30.23 8.40
N GLU A 267 -26.67 -29.59 7.45
CA GLU A 267 -26.71 -30.17 6.12
C GLU A 267 -26.36 -29.14 5.03
N GLY A 268 -25.41 -29.43 4.16
CA GLY A 268 -25.16 -28.45 3.13
C GLY A 268 -25.09 -29.14 1.77
N SER A 269 -24.74 -28.38 0.73
CA SER A 269 -24.56 -29.03 -0.56
C SER A 269 -23.14 -29.61 -0.56
N HIS A 270 -22.21 -28.86 0.04
CA HIS A 270 -20.80 -29.24 0.08
C HIS A 270 -20.14 -28.99 1.42
N ALA A 271 -19.04 -29.69 1.68
CA ALA A 271 -18.28 -29.47 2.91
C ALA A 271 -16.83 -29.17 2.48
N LEU A 272 -16.33 -28.03 2.93
CA LEU A 272 -14.96 -27.61 2.66
C LEU A 272 -14.17 -27.98 3.95
N MET A 273 -13.28 -28.99 3.88
CA MET A 273 -12.47 -29.30 5.05
C MET A 273 -11.32 -28.26 5.17
N THR A 274 -11.35 -27.51 6.27
CA THR A 274 -10.36 -26.47 6.51
C THR A 274 -9.59 -26.78 7.76
N ILE A 275 -9.02 -27.96 7.81
CA ILE A 275 -8.24 -28.20 9.00
C ILE A 275 -6.83 -27.66 8.69
N GLY A 276 -5.80 -28.34 9.17
CA GLY A 276 -4.49 -27.86 8.86
C GLY A 276 -3.85 -28.68 7.77
N SER A 277 -2.52 -28.76 7.80
CA SER A 277 -1.77 -29.53 6.84
C SER A 277 -0.72 -30.32 7.59
N VAL A 278 -0.03 -31.19 6.84
CA VAL A 278 1.00 -32.06 7.37
C VAL A 278 2.31 -31.88 6.58
N PRO A 279 3.44 -31.87 7.30
CA PRO A 279 4.72 -31.68 6.62
C PRO A 279 5.05 -32.84 5.71
N ASN A 280 5.59 -32.53 4.54
CA ASN A 280 5.94 -33.54 3.59
C ASN A 280 7.32 -34.03 3.91
N THR A 281 7.43 -34.77 5.01
CA THR A 281 8.76 -35.16 5.39
C THR A 281 9.00 -36.62 5.49
N SER A 282 8.22 -37.40 4.76
CA SER A 282 8.42 -38.82 4.80
C SER A 282 8.98 -39.36 3.48
N GLY A 283 9.66 -40.50 3.57
CA GLY A 283 10.25 -41.08 2.39
C GLY A 283 11.33 -40.21 1.75
N LEU A 284 12.12 -39.52 2.57
CA LEU A 284 13.16 -38.63 2.07
C LEU A 284 14.54 -39.19 2.31
N GLY A 285 14.58 -40.28 3.08
CA GLY A 285 15.84 -40.90 3.44
C GLY A 285 16.60 -40.12 4.50
N LEU A 286 15.87 -39.37 5.33
CA LEU A 286 16.49 -38.59 6.39
C LEU A 286 17.12 -39.55 7.40
N GLU A 287 16.78 -40.84 7.30
CA GLU A 287 17.35 -41.86 8.18
C GLU A 287 18.77 -42.13 7.80
N ARG A 288 19.05 -42.11 6.50
CA ARG A 288 20.38 -42.40 6.00
C ARG A 288 21.38 -41.36 6.43
N VAL A 289 20.88 -40.28 7.00
CA VAL A 289 21.80 -39.27 7.39
C VAL A 289 21.78 -38.88 8.87
N GLY A 290 21.05 -39.67 9.68
CA GLY A 290 20.98 -39.42 11.10
C GLY A 290 19.86 -38.57 11.72
N ILE A 291 19.10 -37.87 10.89
CA ILE A 291 18.03 -37.04 11.36
C ILE A 291 16.83 -37.90 11.75
N GLN A 292 16.06 -37.42 12.72
CA GLN A 292 14.87 -38.10 13.18
C GLN A 292 13.86 -36.95 13.25
N LEU A 293 12.80 -37.04 12.44
CA LEU A 293 11.78 -36.00 12.43
C LEU A 293 11.33 -35.53 13.84
N GLY A 294 11.34 -34.21 14.06
CA GLY A 294 10.93 -33.71 15.34
C GLY A 294 9.41 -33.65 15.48
N ARG A 295 8.99 -33.16 16.64
CA ARG A 295 7.60 -33.00 17.01
C ARG A 295 6.73 -32.46 15.89
N GLY A 296 5.79 -33.30 15.46
CA GLY A 296 4.86 -32.96 14.39
C GLY A 296 5.40 -33.52 13.10
N ASN A 297 6.33 -34.45 13.16
CA ASN A 297 6.95 -34.98 11.95
C ASN A 297 7.60 -33.88 11.11
N TYR A 298 8.03 -32.82 11.78
CA TYR A 298 8.69 -31.69 11.15
C TYR A 298 10.18 -31.89 11.15
N LEU A 299 10.81 -31.35 10.12
CA LEU A 299 12.24 -31.42 9.97
C LEU A 299 12.77 -30.25 10.78
N THR A 300 12.82 -30.38 12.11
CA THR A 300 13.29 -29.32 13.01
C THR A 300 14.52 -28.61 12.46
N VAL A 301 14.44 -27.28 12.35
CA VAL A 301 15.55 -26.53 11.83
C VAL A 301 16.01 -25.40 12.74
N ASP A 302 17.12 -24.85 12.31
CA ASP A 302 17.83 -23.75 12.95
C ASP A 302 17.15 -22.43 12.78
N ARG A 303 17.89 -21.41 13.20
CA ARG A 303 17.45 -20.03 13.11
C ARG A 303 18.26 -19.60 11.88
N VAL A 304 19.18 -20.50 11.50
CA VAL A 304 20.04 -20.32 10.36
C VAL A 304 19.73 -21.39 9.29
N SER A 305 18.53 -21.97 9.45
CA SER A 305 17.97 -22.98 8.55
C SER A 305 18.66 -24.32 8.46
N ARG A 306 19.52 -24.66 9.42
CA ARG A 306 20.11 -25.96 9.24
C ARG A 306 19.61 -27.07 10.13
N THR A 307 19.64 -28.26 9.54
CA THR A 307 19.21 -29.44 10.25
C THR A 307 20.37 -29.90 11.13
N LEU A 308 20.11 -30.96 11.86
CA LEU A 308 21.05 -31.54 12.79
C LEU A 308 22.18 -32.30 12.06
N ALA A 309 22.00 -32.53 10.76
CA ALA A 309 23.00 -33.20 9.93
C ALA A 309 23.81 -32.13 9.15
N THR A 310 25.12 -32.23 9.15
CA THR A 310 25.91 -31.21 8.46
C THR A 310 25.70 -31.16 6.96
N GLY A 311 25.96 -30.02 6.34
CA GLY A 311 25.67 -29.89 4.93
C GLY A 311 24.15 -29.94 4.67
N ILE A 312 23.33 -30.38 5.64
CA ILE A 312 21.88 -30.45 5.38
C ILE A 312 20.98 -29.35 6.01
N TYR A 313 20.36 -28.55 5.13
CA TYR A 313 19.46 -27.45 5.48
C TYR A 313 17.98 -27.72 5.08
N ALA A 314 17.04 -27.06 5.76
CA ALA A 314 15.63 -27.19 5.38
C ALA A 314 15.06 -25.79 5.52
N ALA A 315 13.87 -25.54 4.96
CA ALA A 315 13.24 -24.24 5.00
C ALA A 315 11.87 -24.46 4.45
N GLY A 316 10.91 -23.60 4.79
CA GLY A 316 9.55 -23.75 4.29
C GLY A 316 8.56 -24.48 5.23
N ASP A 317 7.38 -24.85 4.74
CA ASP A 317 6.44 -25.51 5.63
C ASP A 317 6.95 -26.80 6.26
N CYS A 318 7.90 -27.47 5.60
CA CYS A 318 8.36 -28.73 6.11
C CYS A 318 9.19 -28.62 7.34
N THR A 319 9.44 -27.38 7.80
CA THR A 319 10.20 -27.19 9.05
C THR A 319 9.32 -26.80 10.23
N GLY A 320 8.15 -26.23 9.96
CA GLY A 320 7.28 -25.84 11.05
C GLY A 320 7.60 -24.53 11.78
N LEU A 321 8.44 -23.66 11.21
CA LEU A 321 8.73 -22.36 11.81
C LEU A 321 7.40 -21.67 11.75
N LEU A 322 7.00 -21.25 10.53
CA LEU A 322 5.71 -20.57 10.24
C LEU A 322 5.15 -20.90 8.85
N PRO A 323 3.86 -21.30 8.77
CA PRO A 323 3.38 -21.62 7.42
C PRO A 323 2.94 -20.40 6.59
N LEU A 324 3.88 -19.56 6.20
CA LEU A 324 3.60 -18.45 5.34
C LEU A 324 4.71 -18.66 4.32
N ALA A 325 4.46 -18.25 3.09
CA ALA A 325 5.39 -18.41 2.01
C ALA A 325 6.56 -17.41 2.23
N SER A 326 6.23 -16.20 2.69
CA SER A 326 7.25 -15.19 2.95
C SER A 326 8.25 -15.73 3.95
N VAL A 327 7.81 -16.48 4.97
CA VAL A 327 8.76 -17.05 5.90
C VAL A 327 9.56 -18.18 5.21
N ALA A 328 8.91 -18.93 4.32
CA ALA A 328 9.58 -20.04 3.63
C ALA A 328 10.74 -19.52 2.73
N ALA A 329 10.48 -18.40 2.09
CA ALA A 329 11.45 -17.81 1.20
C ALA A 329 12.67 -17.30 1.98
N MET A 330 12.46 -16.66 3.14
CA MET A 330 13.61 -16.14 3.90
C MET A 330 14.34 -17.33 4.45
N GLN A 331 13.66 -18.44 4.63
CA GLN A 331 14.40 -19.54 5.18
C GLN A 331 15.36 -20.14 4.16
N GLY A 332 14.91 -20.19 2.90
CA GLY A 332 15.79 -20.74 1.89
C GLY A 332 16.91 -19.76 1.62
N ARG A 333 16.50 -18.50 1.58
CA ARG A 333 17.44 -17.38 1.32
C ARG A 333 18.60 -17.40 2.41
N ILE A 334 18.21 -17.43 3.70
CA ILE A 334 19.17 -17.46 4.80
C ILE A 334 20.00 -18.75 4.79
N ALA A 335 19.48 -19.86 4.25
CA ALA A 335 20.26 -21.12 4.17
C ALA A 335 21.28 -21.04 3.05
N MET A 336 21.03 -20.20 2.06
CA MET A 336 22.01 -20.10 1.04
C MET A 336 23.06 -19.18 1.56
N TYR A 337 22.64 -18.13 2.28
CA TYR A 337 23.62 -17.18 2.81
C TYR A 337 24.59 -17.84 3.81
N HIS A 338 24.06 -18.72 4.65
CA HIS A 338 24.93 -19.37 5.60
C HIS A 338 25.85 -20.35 4.88
N ALA A 339 25.35 -21.15 3.94
CA ALA A 339 26.23 -22.09 3.24
C ALA A 339 27.24 -21.44 2.29
N LEU A 340 26.99 -20.26 1.77
CA LEU A 340 27.98 -19.66 0.86
C LEU A 340 28.84 -18.52 1.46
N GLY A 341 29.13 -18.64 2.76
CA GLY A 341 29.95 -17.70 3.48
C GLY A 341 29.64 -16.24 3.35
N GLU A 342 28.36 -15.90 3.30
CA GLU A 342 28.01 -14.50 3.19
C GLU A 342 27.56 -13.94 4.53
N GLY A 343 27.12 -12.69 4.56
CA GLY A 343 26.66 -12.16 5.83
C GLY A 343 25.36 -12.87 6.24
N VAL A 344 25.19 -13.21 7.52
CA VAL A 344 23.97 -13.92 7.91
C VAL A 344 23.26 -13.34 9.11
N SER A 345 21.94 -13.15 9.01
CA SER A 345 21.13 -12.65 10.12
C SER A 345 19.98 -13.60 10.42
N PRO A 346 20.06 -14.40 11.49
CA PRO A 346 18.93 -15.33 11.79
C PRO A 346 17.50 -14.71 11.67
N ILE A 347 16.50 -15.48 11.25
CA ILE A 347 15.12 -14.95 11.15
C ILE A 347 14.62 -14.72 12.60
N ARG A 348 13.95 -13.59 12.85
CA ARG A 348 13.37 -13.29 14.17
C ARG A 348 11.87 -13.42 13.94
N LEU A 349 11.19 -14.31 14.65
CA LEU A 349 9.76 -14.44 14.45
C LEU A 349 8.96 -13.12 14.61
N ARG A 350 9.36 -12.23 15.49
CA ARG A 350 8.57 -11.06 15.65
C ARG A 350 8.82 -9.96 14.63
N THR A 351 9.41 -10.33 13.50
CA THR A 351 9.62 -9.35 12.44
C THR A 351 8.75 -9.78 11.25
N VAL A 352 8.35 -11.05 11.24
CA VAL A 352 7.46 -11.57 10.21
C VAL A 352 6.22 -10.72 10.15
N ALA A 353 5.78 -10.33 8.96
CA ALA A 353 4.58 -9.51 8.76
C ALA A 353 3.59 -10.50 8.20
N ALA A 354 2.36 -10.55 8.72
CA ALA A 354 1.44 -11.54 8.20
C ALA A 354 0.02 -10.97 8.03
N THR A 355 -0.64 -11.28 6.91
CA THR A 355 -1.98 -10.77 6.73
C THR A 355 -2.96 -11.88 6.45
N VAL A 356 -4.23 -11.67 6.85
CA VAL A 356 -5.33 -12.61 6.63
C VAL A 356 -6.04 -11.95 5.48
N PHE A 357 -6.27 -12.66 4.39
CA PHE A 357 -6.94 -12.00 3.27
C PHE A 357 -8.50 -11.96 3.20
N THR A 358 -9.12 -11.27 4.17
CA THR A 358 -10.59 -11.11 4.27
C THR A 358 -10.93 -9.77 3.65
N ARG A 359 -12.18 -9.34 3.80
CA ARG A 359 -12.50 -7.98 3.35
C ARG A 359 -13.19 -7.40 4.57
N PRO A 360 -12.48 -6.47 5.26
CA PRO A 360 -11.14 -5.98 4.95
C PRO A 360 -9.99 -6.91 5.31
N GLU A 361 -8.80 -6.53 4.87
CA GLU A 361 -7.57 -7.25 5.14
C GLU A 361 -7.11 -6.91 6.58
N ILE A 362 -6.34 -7.82 7.16
CA ILE A 362 -5.77 -7.61 8.46
C ILE A 362 -4.31 -8.04 8.39
N ALA A 363 -3.41 -7.12 8.74
CA ALA A 363 -1.97 -7.42 8.77
C ALA A 363 -1.41 -6.96 10.12
N ALA A 364 -0.42 -7.70 10.62
CA ALA A 364 0.22 -7.35 11.87
C ALA A 364 1.71 -7.68 11.81
N VAL A 365 2.49 -7.12 12.75
CA VAL A 365 3.95 -7.36 12.86
C VAL A 365 4.40 -7.02 14.28
N GLY A 366 5.34 -7.81 14.80
CA GLY A 366 5.89 -7.54 16.10
C GLY A 366 5.05 -7.90 17.31
N VAL A 367 5.42 -7.33 18.45
CA VAL A 367 4.75 -7.65 19.69
C VAL A 367 3.24 -7.50 19.61
N PRO A 368 2.48 -8.50 20.06
CA PRO A 368 1.03 -8.33 19.99
C PRO A 368 0.56 -7.35 21.07
N GLN A 369 -0.60 -6.70 20.90
CA GLN A 369 -1.01 -5.82 21.98
C GLN A 369 -1.23 -6.70 23.21
N SER A 370 -1.64 -7.97 23.01
CA SER A 370 -1.85 -8.93 24.12
C SER A 370 -0.73 -8.72 25.14
N VAL A 371 0.49 -9.03 24.67
CA VAL A 371 1.68 -8.92 25.48
C VAL A 371 1.95 -7.56 26.14
N ILE A 372 1.91 -6.48 25.37
CA ILE A 372 2.20 -5.18 25.95
C ILE A 372 1.31 -5.01 27.16
N ASP A 373 0.02 -5.34 27.00
CA ASP A 373 -0.98 -5.17 28.07
C ASP A 373 -0.76 -6.09 29.27
N ALA A 374 0.06 -7.11 29.11
CA ALA A 374 0.31 -8.01 30.22
C ALA A 374 1.47 -7.51 31.03
N GLY A 375 2.19 -6.54 30.49
CA GLY A 375 3.32 -6.04 31.24
C GLY A 375 4.63 -6.67 30.79
N SER A 376 4.59 -7.75 29.99
CA SER A 376 5.82 -8.37 29.51
C SER A 376 6.67 -7.44 28.62
N VAL A 377 6.05 -6.62 27.78
CA VAL A 377 6.84 -5.71 27.01
C VAL A 377 6.49 -4.25 27.43
N ALA A 378 7.51 -3.44 27.67
CA ALA A 378 7.29 -2.07 28.13
C ALA A 378 7.09 -1.18 26.95
N ALA A 379 5.83 -0.96 26.54
CA ALA A 379 5.59 -0.14 25.36
C ALA A 379 4.42 0.83 25.38
N ARG A 380 4.45 1.78 24.45
CA ARG A 380 3.39 2.79 24.28
C ARG A 380 2.61 2.29 23.06
N THR A 381 1.30 2.47 23.05
CA THR A 381 0.48 2.00 21.96
C THR A 381 -0.56 3.05 21.53
N ILE A 382 -1.02 2.97 20.28
CA ILE A 382 -2.06 3.88 19.83
C ILE A 382 -2.91 3.18 18.79
N MET A 383 -4.19 3.48 18.74
CA MET A 383 -5.04 2.91 17.72
C MET A 383 -5.72 4.07 17.04
N LEU A 384 -5.37 4.26 15.80
CA LEU A 384 -5.96 5.36 15.06
C LEU A 384 -6.99 4.89 14.01
N PRO A 385 -8.27 5.20 14.22
CA PRO A 385 -9.27 4.78 13.24
C PRO A 385 -8.84 5.32 11.90
N LEU A 386 -9.25 4.70 10.79
CA LEU A 386 -8.89 5.22 9.47
C LEU A 386 -10.00 6.10 8.89
N ARG A 387 -11.18 6.09 9.50
CA ARG A 387 -12.25 6.83 8.89
C ARG A 387 -12.11 8.29 8.81
N THR A 388 -11.24 8.85 9.64
CA THR A 388 -11.01 10.27 9.57
C THR A 388 -10.04 10.64 8.46
N ASN A 389 -9.40 9.62 7.91
CA ASN A 389 -8.45 9.75 6.82
C ASN A 389 -9.23 10.01 5.49
N ALA A 390 -8.93 11.07 4.74
CA ALA A 390 -9.67 11.34 3.49
C ALA A 390 -9.65 10.18 2.47
N ARG A 391 -8.49 9.56 2.29
CA ARG A 391 -8.37 8.44 1.37
C ARG A 391 -9.39 7.38 1.80
N ALA A 392 -9.38 6.98 3.07
CA ALA A 392 -10.38 6.00 3.53
C ALA A 392 -11.83 6.44 3.17
N LYS A 393 -12.14 7.71 3.38
CA LYS A 393 -13.47 8.24 3.09
C LYS A 393 -13.80 7.96 1.62
N MET A 394 -12.80 8.10 0.77
CA MET A 394 -12.92 7.82 -0.66
C MET A 394 -13.18 6.33 -0.94
N SER A 395 -12.43 5.44 -0.28
CA SER A 395 -12.66 3.98 -0.48
C SER A 395 -13.78 3.44 0.46
N GLU A 396 -14.60 4.36 0.94
CA GLU A 396 -15.72 4.08 1.81
C GLU A 396 -15.46 3.05 2.86
N MET A 397 -14.40 3.30 3.66
CA MET A 397 -13.95 2.46 4.76
C MET A 397 -14.46 3.13 6.02
N ARG A 398 -15.16 2.36 6.83
CA ARG A 398 -15.68 2.89 8.07
C ARG A 398 -15.17 2.16 9.32
N HIS A 399 -14.47 1.06 9.15
CA HIS A 399 -14.03 0.36 10.33
C HIS A 399 -12.55 0.02 10.34
N GLY A 400 -11.83 0.55 9.36
CA GLY A 400 -10.40 0.28 9.30
C GLY A 400 -9.65 1.08 10.36
N PHE A 401 -8.40 0.71 10.60
CA PHE A 401 -7.58 1.43 11.59
C PHE A 401 -6.12 1.07 11.53
N VAL A 402 -5.28 1.88 12.15
CA VAL A 402 -3.86 1.62 12.24
C VAL A 402 -3.45 1.64 13.68
N LYS A 403 -2.77 0.58 14.10
CA LYS A 403 -2.20 0.42 15.46
C LYS A 403 -0.67 0.37 15.38
N ILE A 404 0.01 1.23 16.10
CA ILE A 404 1.47 1.19 16.10
C ILE A 404 1.94 1.03 17.56
N PHE A 405 2.93 0.18 17.81
CA PHE A 405 3.44 -0.04 19.19
C PHE A 405 4.88 0.35 19.34
N CYS A 406 5.26 0.99 20.43
CA CYS A 406 6.66 1.36 20.55
C CYS A 406 7.29 1.31 21.90
N ARG A 407 8.59 1.09 21.87
CA ARG A 407 9.38 1.05 23.06
C ARG A 407 9.08 2.33 23.91
N ARG A 408 8.97 2.15 25.23
CA ARG A 408 8.68 3.22 26.21
C ARG A 408 9.61 4.41 26.20
N SER A 409 10.88 4.12 26.38
CA SER A 409 11.90 5.15 26.43
C SER A 409 12.37 5.56 25.04
N THR A 410 13.02 4.65 24.35
CA THR A 410 13.56 4.96 23.04
C THR A 410 12.62 5.30 21.91
N GLY A 411 11.33 4.95 22.01
CA GLY A 411 10.38 5.19 20.92
C GLY A 411 10.57 4.27 19.68
N VAL A 412 11.41 3.24 19.78
CA VAL A 412 11.64 2.36 18.66
C VAL A 412 10.38 1.53 18.34
N VAL A 413 9.95 1.51 17.08
CA VAL A 413 8.78 0.76 16.66
C VAL A 413 8.97 -0.74 16.91
N ILE A 414 8.03 -1.41 17.60
CA ILE A 414 8.19 -2.83 17.88
C ILE A 414 7.07 -3.69 17.41
N GLY A 415 6.01 -3.04 16.92
CA GLY A 415 4.87 -3.78 16.42
C GLY A 415 3.95 -2.82 15.74
N GLY A 416 2.95 -3.33 15.02
CA GLY A 416 1.98 -2.51 14.33
C GLY A 416 0.92 -3.46 13.84
N VAL A 417 -0.32 -3.00 13.69
CA VAL A 417 -1.42 -3.83 13.16
C VAL A 417 -2.16 -2.89 12.25
N VAL A 418 -2.61 -3.43 11.12
CA VAL A 418 -3.31 -2.60 10.14
C VAL A 418 -4.47 -3.40 9.61
N VAL A 419 -5.66 -2.84 9.76
CA VAL A 419 -6.84 -3.43 9.23
C VAL A 419 -7.39 -2.47 8.18
N ALA A 420 -7.23 -2.79 6.90
CA ALA A 420 -7.77 -1.96 5.79
C ALA A 420 -7.80 -2.77 4.49
N PRO A 421 -8.37 -2.20 3.39
CA PRO A 421 -8.41 -2.98 2.15
C PRO A 421 -7.07 -3.46 1.62
N ILE A 422 -6.01 -2.67 1.79
CA ILE A 422 -4.69 -3.11 1.32
C ILE A 422 -3.71 -3.23 2.47
N ALA A 423 -4.12 -3.85 3.55
CA ALA A 423 -3.22 -3.92 4.69
C ALA A 423 -1.95 -4.68 4.33
N SER A 424 -2.11 -5.71 3.49
CA SER A 424 -0.99 -6.55 3.09
C SER A 424 0.16 -5.72 2.49
N GLU A 425 -0.14 -4.54 1.96
CA GLU A 425 0.87 -3.64 1.40
C GLU A 425 1.36 -2.63 2.46
N LEU A 426 0.43 -1.94 3.12
CA LEU A 426 0.77 -0.94 4.15
C LEU A 426 1.50 -1.50 5.36
N ILE A 427 1.47 -2.81 5.59
CA ILE A 427 2.16 -3.33 6.76
C ILE A 427 3.66 -3.19 6.57
N LEU A 428 4.11 -3.25 5.31
CA LEU A 428 5.55 -3.20 5.00
C LEU A 428 6.33 -2.12 5.72
N PRO A 429 5.95 -0.85 5.55
CA PRO A 429 6.68 0.22 6.23
C PRO A 429 6.86 -0.14 7.71
N ILE A 430 5.80 -0.57 8.38
CA ILE A 430 5.93 -0.93 9.81
C ILE A 430 7.02 -2.05 10.00
N ALA A 431 6.92 -3.15 9.24
CA ALA A 431 7.93 -4.20 9.34
C ALA A 431 9.30 -3.57 9.21
N VAL A 432 9.53 -2.76 8.17
CA VAL A 432 10.84 -2.11 8.02
C VAL A 432 11.20 -1.49 9.36
N ALA A 433 10.30 -0.69 9.92
CA ALA A 433 10.56 -0.08 11.22
C ALA A 433 10.88 -1.16 12.30
N VAL A 434 10.09 -2.21 12.38
CA VAL A 434 10.37 -3.19 13.39
C VAL A 434 11.72 -3.84 13.15
N GLN A 435 11.87 -4.47 11.99
CA GLN A 435 13.14 -5.12 11.61
C GLN A 435 14.35 -4.15 11.68
N ASN A 436 14.15 -2.83 11.65
CA ASN A 436 15.33 -1.97 11.68
C ASN A 436 15.44 -0.96 12.82
N ARG A 437 14.62 -1.24 13.84
CA ARG A 437 14.57 -0.42 15.04
C ARG A 437 14.46 1.03 14.65
N ILE A 438 13.50 1.34 13.80
CA ILE A 438 13.32 2.71 13.42
C ILE A 438 12.48 3.40 14.51
N THR A 439 12.65 4.68 14.66
CA THR A 439 11.93 5.33 15.74
C THR A 439 10.64 6.09 15.37
N VAL A 440 9.64 6.11 16.27
CA VAL A 440 8.41 6.81 15.89
C VAL A 440 8.79 8.22 15.43
N ASN A 441 9.81 8.81 16.07
CA ASN A 441 10.32 10.13 15.67
C ASN A 441 10.83 10.01 14.24
N GLU A 442 11.66 9.00 14.01
CA GLU A 442 12.22 8.73 12.68
C GLU A 442 11.13 8.43 11.66
N LEU A 443 10.06 7.82 12.10
CA LEU A 443 9.06 7.52 11.12
C LEU A 443 8.30 8.76 10.77
N ALA A 444 8.02 9.56 11.80
CA ALA A 444 7.21 10.78 11.73
C ALA A 444 7.73 11.87 10.81
N GLN A 445 9.02 11.81 10.51
CA GLN A 445 9.63 12.80 9.64
C GLN A 445 9.57 12.42 8.18
N THR A 446 9.09 11.20 7.90
CA THR A 446 8.99 10.75 6.55
C THR A 446 7.79 11.42 5.95
N LEU A 447 8.00 12.08 4.84
CA LEU A 447 6.92 12.78 4.13
C LEU A 447 6.06 11.81 3.37
N ALA A 448 5.16 11.11 4.05
CA ALA A 448 4.32 10.18 3.33
C ALA A 448 3.51 11.06 2.38
N VAL A 449 2.80 10.47 1.42
CA VAL A 449 1.98 11.15 0.40
C VAL A 449 0.59 11.57 0.88
N TYR A 450 0.04 12.68 0.38
CA TYR A 450 -1.34 13.05 0.76
C TYR A 450 -2.15 13.18 -0.50
N PRO A 451 -3.36 12.59 -0.52
CA PRO A 451 -3.94 11.80 0.57
C PRO A 451 -3.74 10.27 0.34
N SER A 452 -3.41 9.56 1.40
CA SER A 452 -3.23 8.12 1.30
C SER A 452 -3.48 7.55 2.71
N LEU A 453 -3.69 6.24 2.81
CA LEU A 453 -3.89 5.69 4.13
C LEU A 453 -2.51 5.60 4.79
N SER A 454 -1.45 5.53 4.01
CA SER A 454 -0.16 5.45 4.67
C SER A 454 0.19 6.74 5.42
N GLY A 455 -0.54 7.83 5.20
CA GLY A 455 -0.22 9.07 5.89
C GLY A 455 -0.62 8.97 7.34
N SER A 456 -1.58 8.07 7.58
CA SER A 456 -2.13 7.78 8.91
C SER A 456 -1.05 7.05 9.73
N ILE A 457 -0.24 6.23 9.04
CA ILE A 457 0.83 5.50 9.67
C ILE A 457 1.87 6.53 10.17
N THR A 458 2.15 7.58 9.40
CA THR A 458 3.12 8.50 9.92
C THR A 458 2.51 9.34 11.05
N GLU A 459 1.19 9.51 11.09
CA GLU A 459 0.54 10.27 12.18
C GLU A 459 0.59 9.35 13.37
N ALA A 460 0.22 8.10 13.15
CA ALA A 460 0.22 7.13 14.24
C ALA A 460 1.55 7.28 15.00
N ALA A 461 2.69 7.09 14.35
CA ALA A 461 3.93 7.25 15.08
C ALA A 461 4.06 8.71 15.52
N ARG A 462 3.66 9.68 14.73
CA ARG A 462 3.84 11.06 15.22
C ARG A 462 3.27 11.26 16.63
N ARG A 463 2.10 10.70 16.89
CA ARG A 463 1.48 10.87 18.19
C ARG A 463 2.19 10.07 19.27
N LEU A 464 2.90 9.01 18.88
CA LEU A 464 3.62 8.24 19.88
C LEU A 464 4.86 8.97 20.36
N MET A 465 5.29 9.98 19.63
CA MET A 465 6.50 10.71 20.01
C MET A 465 6.50 11.19 21.51
N ALA A 466 7.63 11.02 22.21
CA ALA A 466 7.71 11.35 23.64
C ALA A 466 9.05 11.77 24.28
N VAL B 2 2.49 30.50 29.49
CA VAL B 2 1.53 30.45 28.34
C VAL B 2 1.98 31.18 27.08
N THR B 3 2.67 30.48 26.19
CA THR B 3 3.09 31.11 24.96
C THR B 3 1.88 31.07 24.05
N ARG B 4 1.58 32.20 23.37
CA ARG B 4 0.42 32.27 22.45
C ARG B 4 0.80 32.02 20.99
N ILE B 5 0.07 31.11 20.36
CA ILE B 5 0.37 30.77 18.97
C ILE B 5 -0.89 31.07 18.15
N VAL B 6 -0.81 32.01 17.22
CA VAL B 6 -1.97 32.30 16.36
C VAL B 6 -1.63 31.94 14.91
N ILE B 7 -2.46 31.12 14.30
CA ILE B 7 -2.22 30.64 12.96
C ILE B 7 -3.22 31.22 11.96
N LEU B 8 -2.80 31.92 10.92
CA LEU B 8 -3.73 32.48 9.93
C LEU B 8 -3.92 31.43 8.81
N GLY B 9 -5.07 30.75 8.80
CA GLY B 9 -5.36 29.71 7.81
C GLY B 9 -5.41 28.29 8.38
N GLY B 10 -6.46 27.54 8.12
CA GLY B 10 -6.52 26.21 8.69
C GLY B 10 -6.43 25.07 7.70
N GLY B 11 -5.67 25.26 6.60
CA GLY B 11 -5.52 24.15 5.66
C GLY B 11 -4.52 23.21 6.33
N PRO B 12 -3.77 22.42 5.58
CA PRO B 12 -2.80 21.51 6.18
C PRO B 12 -1.59 22.24 6.81
N ALA B 13 -1.09 23.31 6.19
CA ALA B 13 0.03 23.97 6.81
C ALA B 13 -0.48 24.47 8.19
N GLY B 14 -1.58 25.22 8.19
CA GLY B 14 -2.13 25.73 9.43
C GLY B 14 -2.62 24.73 10.43
N TYR B 15 -3.46 23.79 10.01
CA TYR B 15 -4.02 22.81 10.94
C TYR B 15 -3.08 21.79 11.55
N GLU B 16 -2.13 21.27 10.79
CA GLU B 16 -1.21 20.19 11.27
C GLU B 16 -0.16 20.68 12.16
N ALA B 17 -0.07 22.03 12.14
CA ALA B 17 0.81 22.87 12.94
C ALA B 17 0.15 23.05 14.29
N ALA B 18 -1.15 23.37 14.27
CA ALA B 18 -1.90 23.60 15.53
C ALA B 18 -1.98 22.31 16.30
N LEU B 19 -2.00 21.24 15.54
CA LEU B 19 -2.12 19.94 16.14
C LEU B 19 -0.79 19.58 16.87
N VAL B 20 0.35 19.91 16.27
CA VAL B 20 1.61 19.60 16.91
C VAL B 20 1.76 20.48 18.15
N ALA B 21 1.40 21.75 18.04
CA ALA B 21 1.51 22.66 19.19
C ALA B 21 0.63 22.30 20.37
N ALA B 22 -0.63 21.96 20.13
CA ALA B 22 -1.57 21.57 21.18
C ALA B 22 -1.14 20.29 21.88
N THR B 23 -0.89 19.25 21.11
CA THR B 23 -0.47 17.92 21.59
C THR B 23 0.79 17.92 22.44
N SER B 24 1.89 18.44 21.90
CA SER B 24 3.14 18.45 22.62
C SER B 24 3.23 19.42 23.82
N HIS B 25 2.45 20.50 23.78
CA HIS B 25 2.47 21.50 24.84
C HIS B 25 1.11 21.96 25.37
N PRO B 26 0.30 21.02 25.92
CA PRO B 26 -1.04 21.14 26.49
C PRO B 26 -1.26 22.27 27.45
N GLU B 27 -0.43 22.32 28.48
CA GLU B 27 -0.64 23.36 29.45
C GLU B 27 0.29 24.51 29.38
N THR B 28 1.28 24.41 28.51
CA THR B 28 2.20 25.50 28.33
C THR B 28 1.64 26.48 27.28
N THR B 29 0.98 25.92 26.27
CA THR B 29 0.46 26.76 25.22
C THR B 29 -1.03 27.05 25.07
N GLN B 30 -1.29 27.98 24.17
CA GLN B 30 -2.63 28.34 23.78
C GLN B 30 -2.59 28.57 22.27
N VAL B 31 -3.25 27.67 21.55
CA VAL B 31 -3.25 27.69 20.10
C VAL B 31 -4.56 28.26 19.50
N THR B 32 -4.44 29.24 18.60
CA THR B 32 -5.62 29.80 17.94
C THR B 32 -5.58 29.77 16.40
N VAL B 33 -6.35 28.91 15.77
CA VAL B 33 -6.36 28.94 14.32
C VAL B 33 -7.36 30.01 13.87
N ILE B 34 -7.02 30.82 12.88
CA ILE B 34 -7.98 31.80 12.32
C ILE B 34 -8.09 31.50 10.81
N ASP B 35 -9.20 30.91 10.37
CA ASP B 35 -9.35 30.55 8.95
C ASP B 35 -10.63 31.11 8.37
N CYS B 36 -10.58 31.65 7.15
CA CYS B 36 -11.82 32.24 6.59
C CYS B 36 -12.73 31.32 5.80
N ASP B 37 -12.17 30.35 5.09
CA ASP B 37 -13.01 29.52 4.27
C ASP B 37 -13.45 28.14 4.76
N GLY B 38 -12.70 27.50 5.63
CA GLY B 38 -13.11 26.18 6.08
C GLY B 38 -11.91 25.32 6.46
N ILE B 39 -11.89 24.83 7.70
CA ILE B 39 -10.82 24.00 8.21
C ILE B 39 -10.54 22.83 7.25
N GLY B 40 -9.27 22.72 6.83
CA GLY B 40 -8.86 21.71 5.89
C GLY B 40 -8.45 22.49 4.69
N GLY B 41 -8.79 23.76 4.74
CA GLY B 41 -8.50 24.72 3.69
C GLY B 41 -8.84 24.21 2.29
N ALA B 42 -8.35 24.93 1.27
CA ALA B 42 -8.56 24.55 -0.12
C ALA B 42 -8.13 23.09 -0.33
N ALA B 43 -7.07 22.67 0.38
CA ALA B 43 -6.58 21.31 0.30
C ALA B 43 -7.78 20.33 0.40
N VAL B 44 -8.58 20.50 1.47
CA VAL B 44 -9.75 19.64 1.75
C VAL B 44 -11.08 20.04 1.08
N LEU B 45 -11.46 21.31 1.16
CA LEU B 45 -12.72 21.76 0.58
C LEU B 45 -12.79 22.15 -0.95
N ASP B 46 -11.67 22.19 -1.66
CA ASP B 46 -11.70 22.66 -3.04
C ASP B 46 -10.78 22.08 -4.13
N ASP B 47 -9.57 21.67 -3.77
CA ASP B 47 -8.58 21.23 -4.72
C ASP B 47 -8.23 19.75 -4.64
N CYS B 48 -7.23 19.45 -3.79
CA CYS B 48 -6.72 18.10 -3.58
C CYS B 48 -7.72 17.02 -3.20
N VAL B 49 -8.40 17.12 -2.05
CA VAL B 49 -9.39 16.06 -1.71
C VAL B 49 -10.57 15.99 -2.70
N PRO B 50 -11.02 17.14 -3.27
CA PRO B 50 -12.11 17.06 -4.24
C PRO B 50 -11.65 16.39 -5.53
N SER B 51 -10.42 16.60 -5.97
CA SER B 51 -9.96 15.96 -7.22
C SER B 51 -9.75 14.46 -7.07
N LYS B 52 -9.18 14.04 -5.95
CA LYS B 52 -8.94 12.63 -5.70
C LYS B 52 -10.25 11.90 -5.54
N THR B 53 -11.18 12.47 -4.76
CA THR B 53 -12.50 11.84 -4.62
C THR B 53 -13.10 11.66 -6.02
N PHE B 54 -13.12 12.73 -6.79
CA PHE B 54 -13.61 12.68 -8.15
C PHE B 54 -12.89 11.53 -8.91
N ILE B 55 -11.55 11.58 -9.05
CA ILE B 55 -10.79 10.56 -9.79
C ILE B 55 -11.16 9.17 -9.33
N ALA B 56 -11.26 9.00 -8.02
CA ALA B 56 -11.61 7.73 -7.42
C ALA B 56 -12.95 7.26 -8.01
N SER B 57 -13.94 8.13 -8.03
CA SER B 57 -15.26 7.80 -8.58
C SER B 57 -15.23 7.34 -10.04
N THR B 58 -14.37 7.97 -10.80
CA THR B 58 -14.20 7.70 -12.20
C THR B 58 -13.77 6.22 -12.43
N GLY B 59 -12.97 5.72 -11.49
CA GLY B 59 -12.48 4.37 -11.58
C GLY B 59 -13.56 3.38 -11.95
N LEU B 60 -14.63 3.36 -11.17
CA LEU B 60 -15.73 2.46 -11.40
C LEU B 60 -16.01 2.12 -12.84
N ARG B 61 -16.16 3.13 -13.67
CA ARG B 61 -16.48 2.84 -15.05
C ARG B 61 -15.43 1.95 -15.65
N THR B 62 -14.25 2.04 -15.12
CA THR B 62 -13.16 1.23 -15.62
C THR B 62 -13.46 -0.24 -15.27
N GLU B 63 -13.59 -0.52 -13.98
CA GLU B 63 -13.86 -1.86 -13.52
C GLU B 63 -15.19 -2.47 -13.93
N LEU B 64 -16.10 -1.65 -14.43
CA LEU B 64 -17.37 -2.19 -14.90
C LEU B 64 -17.12 -2.77 -16.29
N ARG B 65 -16.56 -1.96 -17.18
CA ARG B 65 -16.28 -2.43 -18.54
C ARG B 65 -15.34 -3.58 -18.47
N ARG B 66 -14.82 -3.84 -17.27
CA ARG B 66 -13.89 -4.93 -17.05
C ARG B 66 -14.44 -6.21 -16.38
N ALA B 67 -15.69 -6.17 -15.94
CA ALA B 67 -16.28 -7.33 -15.26
C ALA B 67 -16.59 -8.59 -16.08
N PRO B 68 -17.13 -8.44 -17.31
CA PRO B 68 -17.44 -9.63 -18.10
C PRO B 68 -16.34 -10.67 -18.21
N HIS B 69 -15.10 -10.27 -18.42
CA HIS B 69 -14.08 -11.31 -18.52
C HIS B 69 -13.72 -11.83 -17.13
N LEU B 70 -14.03 -11.03 -16.11
CA LEU B 70 -13.74 -11.44 -14.73
C LEU B 70 -14.84 -12.39 -14.21
N GLY B 71 -15.69 -12.81 -15.14
CA GLY B 71 -16.75 -13.74 -14.81
C GLY B 71 -18.13 -13.21 -14.49
N PHE B 72 -18.31 -11.88 -14.43
CA PHE B 72 -19.62 -11.31 -14.10
C PHE B 72 -20.28 -10.58 -15.25
N HIS B 73 -21.31 -11.22 -15.79
CA HIS B 73 -22.07 -10.70 -16.91
C HIS B 73 -23.29 -9.91 -16.47
N LYS B 80 -26.30 4.27 -17.03
CA LYS B 80 -26.32 5.70 -16.77
C LYS B 80 -25.42 6.16 -15.66
N ILE B 81 -24.44 6.90 -16.14
CA ILE B 81 -23.38 7.50 -15.38
C ILE B 81 -23.94 8.91 -15.08
N SER B 82 -24.47 9.11 -13.89
CA SER B 82 -25.06 10.40 -13.58
C SER B 82 -24.14 11.41 -12.87
N LEU B 83 -23.62 12.36 -13.63
CA LEU B 83 -22.66 13.32 -13.11
C LEU B 83 -22.98 14.02 -11.82
N PRO B 84 -24.19 14.54 -11.68
CA PRO B 84 -24.58 15.25 -10.46
C PRO B 84 -24.35 14.46 -9.16
N GLN B 85 -24.66 13.16 -9.12
CA GLN B 85 -24.40 12.46 -7.86
C GLN B 85 -22.93 12.26 -7.61
N ILE B 86 -22.15 11.98 -8.66
CA ILE B 86 -20.69 11.86 -8.46
C ILE B 86 -20.23 13.13 -7.73
N HIS B 87 -20.77 14.26 -8.18
CA HIS B 87 -20.47 15.56 -7.61
C HIS B 87 -20.95 15.76 -6.18
N ALA B 88 -22.07 15.12 -5.85
CA ALA B 88 -22.66 15.18 -4.51
C ALA B 88 -21.68 14.51 -3.56
N ARG B 89 -21.12 13.40 -4.02
CA ARG B 89 -20.16 12.63 -3.25
C ARG B 89 -18.94 13.51 -3.01
N VAL B 90 -18.58 14.29 -4.00
CA VAL B 90 -17.40 15.15 -3.89
C VAL B 90 -17.52 16.27 -2.88
N LYS B 91 -18.56 17.06 -3.03
CA LYS B 91 -18.80 18.17 -2.12
C LYS B 91 -18.98 17.61 -0.70
N THR B 92 -19.67 16.47 -0.64
CA THR B 92 -20.00 15.77 0.59
C THR B 92 -18.82 15.21 1.41
N LEU B 93 -17.91 14.53 0.72
CA LEU B 93 -16.77 13.89 1.37
C LEU B 93 -15.83 14.99 1.79
N ALA B 94 -15.82 16.03 0.97
CA ALA B 94 -14.93 17.12 1.22
C ALA B 94 -15.40 17.77 2.53
N ALA B 95 -16.69 18.08 2.61
CA ALA B 95 -17.28 18.66 3.82
C ALA B 95 -17.07 17.73 5.04
N ALA B 96 -17.26 16.43 4.86
CA ALA B 96 -17.04 15.49 5.94
C ALA B 96 -15.55 15.51 6.40
N GLN B 97 -14.58 15.66 5.47
CA GLN B 97 -13.17 15.69 5.89
C GLN B 97 -13.02 16.88 6.78
N SER B 98 -13.48 18.01 6.25
CA SER B 98 -13.38 19.23 6.98
C SER B 98 -14.03 19.02 8.33
N ALA B 99 -15.18 18.36 8.42
CA ALA B 99 -15.77 18.21 9.74
C ALA B 99 -14.86 17.40 10.68
N ASP B 100 -14.35 16.25 10.25
CA ASP B 100 -13.49 15.51 11.13
C ASP B 100 -12.32 16.35 11.73
N ILE B 101 -11.65 17.17 10.90
CA ILE B 101 -10.49 17.99 11.32
C ILE B 101 -10.88 19.07 12.28
N THR B 102 -12.05 19.65 12.08
CA THR B 102 -12.49 20.70 12.98
C THR B 102 -12.70 20.08 14.34
N ALA B 103 -13.08 18.82 14.32
CA ALA B 103 -13.33 18.16 15.58
C ALA B 103 -12.03 17.95 16.25
N GLN B 104 -11.08 17.41 15.52
CA GLN B 104 -9.81 17.11 16.12
C GLN B 104 -9.23 18.33 16.79
N LEU B 105 -9.30 19.47 16.12
CA LEU B 105 -8.70 20.64 16.69
C LEU B 105 -9.39 20.98 17.97
N LEU B 106 -10.72 20.95 17.96
CA LEU B 106 -11.44 21.37 19.16
C LEU B 106 -11.14 20.55 20.39
N SER B 107 -11.00 19.24 20.17
CA SER B 107 -10.76 18.30 21.25
C SER B 107 -9.34 18.33 21.77
N MET B 108 -8.57 19.32 21.33
CA MET B 108 -7.20 19.41 21.75
C MET B 108 -6.99 20.78 22.30
N GLY B 109 -8.10 21.42 22.61
CA GLY B 109 -8.01 22.72 23.19
C GLY B 109 -7.77 23.84 22.24
N VAL B 110 -7.54 23.53 20.97
CA VAL B 110 -7.30 24.59 19.96
C VAL B 110 -8.48 25.52 19.85
N GLN B 111 -8.27 26.83 19.91
CA GLN B 111 -9.40 27.75 19.75
C GLN B 111 -9.64 27.86 18.25
N VAL B 112 -10.87 27.70 17.77
CA VAL B 112 -11.05 27.87 16.31
C VAL B 112 -11.97 29.02 15.85
N ILE B 113 -11.43 30.10 15.30
CA ILE B 113 -12.27 31.22 14.84
C ILE B 113 -12.54 31.36 13.36
N ALA B 114 -13.79 31.54 12.96
CA ALA B 114 -14.11 31.76 11.55
C ALA B 114 -14.02 33.29 11.21
N GLY B 115 -13.13 33.64 10.28
CA GLY B 115 -12.96 35.05 9.93
C GLY B 115 -11.63 35.27 9.25
N ARG B 116 -11.35 36.47 8.76
CA ARG B 116 -10.08 36.68 8.08
C ARG B 116 -9.10 37.26 9.09
N GLY B 117 -7.82 36.97 8.94
CA GLY B 117 -6.86 37.47 9.88
C GLY B 117 -5.98 38.55 9.29
N GLU B 118 -5.28 39.30 10.13
CA GLU B 118 -4.43 40.37 9.63
C GLU B 118 -3.49 40.78 10.75
N LEU B 119 -2.22 40.99 10.42
CA LEU B 119 -1.28 41.43 11.43
C LEU B 119 -1.68 42.89 11.63
N ILE B 120 -1.58 43.37 12.87
CA ILE B 120 -1.91 44.77 13.12
C ILE B 120 -0.94 45.44 14.08
N ASP B 121 0.26 44.89 14.15
CA ASP B 121 1.36 45.38 14.99
C ASP B 121 1.51 46.91 15.06
N SER B 122 1.36 47.48 16.24
CA SER B 122 1.51 48.92 16.41
C SER B 122 2.78 49.47 15.80
N THR B 123 3.85 48.69 15.89
CA THR B 123 5.14 49.08 15.34
C THR B 123 5.96 47.80 15.03
N PRO B 124 6.84 47.86 14.01
CA PRO B 124 7.78 46.90 13.40
C PRO B 124 8.77 46.06 14.23
N GLY B 125 9.19 46.54 15.40
CA GLY B 125 10.11 45.72 16.16
C GLY B 125 9.49 45.07 17.37
N LEU B 126 8.22 44.75 17.31
CA LEU B 126 7.62 44.16 18.49
C LEU B 126 7.99 42.70 18.63
N ALA B 127 8.24 42.26 19.86
CA ALA B 127 8.57 40.87 20.13
C ALA B 127 7.27 40.05 20.19
N ARG B 128 6.22 40.62 20.79
CA ARG B 128 4.96 39.92 20.89
C ARG B 128 4.01 40.62 19.99
N HIS B 129 3.53 39.94 18.95
CA HIS B 129 2.63 40.51 17.93
C HIS B 129 1.12 40.51 18.19
N ARG B 130 0.39 41.14 17.28
CA ARG B 130 -1.05 41.24 17.46
C ARG B 130 -1.80 40.97 16.16
N ILE B 131 -2.91 40.24 16.24
CA ILE B 131 -3.72 39.85 15.06
C ILE B 131 -5.21 40.13 15.17
N LYS B 132 -5.75 41.02 14.32
CA LYS B 132 -7.18 41.34 14.34
C LYS B 132 -7.82 40.30 13.43
N ALA B 133 -8.84 39.65 13.94
CA ALA B 133 -9.59 38.66 13.20
C ALA B 133 -10.97 39.24 12.87
N THR B 134 -11.28 39.38 11.59
CA THR B 134 -12.57 39.91 11.14
C THR B 134 -13.44 38.79 10.64
N ALA B 135 -14.59 38.68 11.28
CA ALA B 135 -15.59 37.64 11.01
C ALA B 135 -16.44 37.90 9.78
N ALA B 136 -17.05 36.84 9.26
CA ALA B 136 -17.95 37.01 8.13
C ALA B 136 -19.12 37.77 8.77
N ASP B 137 -19.36 37.50 10.07
CA ASP B 137 -20.41 38.13 10.93
C ASP B 137 -20.09 39.58 11.25
N GLY B 138 -19.31 40.24 10.39
CA GLY B 138 -18.88 41.62 10.57
C GLY B 138 -17.99 41.87 11.80
N SER B 139 -18.33 41.22 12.91
CA SER B 139 -17.63 41.39 14.17
C SER B 139 -16.12 41.24 14.08
N THR B 140 -15.38 41.91 14.97
CA THR B 140 -13.94 41.75 14.96
C THR B 140 -13.42 41.34 16.33
N SER B 141 -12.18 40.84 16.35
CA SER B 141 -11.54 40.38 17.58
C SER B 141 -10.00 40.39 17.41
N GLU B 142 -9.26 40.89 18.41
CA GLU B 142 -7.81 40.97 18.33
C GLU B 142 -7.13 39.97 19.23
N HIS B 143 -5.99 39.42 18.79
CA HIS B 143 -5.31 38.40 19.60
C HIS B 143 -3.81 38.58 19.76
N GLU B 144 -3.32 38.46 20.99
CA GLU B 144 -1.89 38.61 21.17
C GLU B 144 -1.20 37.32 20.74
N ALA B 145 -0.04 37.45 20.12
CA ALA B 145 0.69 36.27 19.67
C ALA B 145 2.17 36.37 19.88
N ASP B 146 2.73 35.33 20.49
CA ASP B 146 4.15 35.19 20.72
C ASP B 146 4.68 34.57 19.44
N VAL B 147 3.90 33.66 18.91
CA VAL B 147 4.29 33.00 17.68
C VAL B 147 3.25 33.19 16.61
N VAL B 148 3.65 33.52 15.40
CA VAL B 148 2.68 33.69 14.36
C VAL B 148 3.08 32.85 13.18
N LEU B 149 2.11 32.17 12.60
CA LEU B 149 2.32 31.29 11.43
C LEU B 149 1.36 31.69 10.31
N VAL B 150 1.91 32.28 9.26
CA VAL B 150 1.16 32.70 8.08
C VAL B 150 0.97 31.40 7.22
N ALA B 151 -0.27 30.90 7.10
CA ALA B 151 -0.52 29.65 6.33
C ALA B 151 -1.76 29.75 5.49
N THR B 152 -1.78 30.78 4.68
CA THR B 152 -2.90 31.18 3.87
C THR B 152 -3.12 30.58 2.50
N GLY B 153 -2.29 29.62 2.10
CA GLY B 153 -2.45 28.98 0.82
C GLY B 153 -2.30 29.80 -0.44
N ALA B 154 -2.83 29.28 -1.55
CA ALA B 154 -2.76 29.90 -2.86
C ALA B 154 -4.12 29.89 -3.55
N SER B 155 -4.26 30.69 -4.60
CA SER B 155 -5.50 30.78 -5.35
C SER B 155 -5.15 30.47 -6.77
N PRO B 156 -6.15 30.04 -7.59
CA PRO B 156 -5.93 29.70 -9.01
C PRO B 156 -5.42 30.90 -9.81
N ARG B 157 -4.24 30.79 -10.43
CA ARG B 157 -3.76 31.92 -11.27
C ARG B 157 -4.73 32.07 -12.43
N ILE B 158 -5.05 33.29 -12.77
CA ILE B 158 -6.01 33.51 -13.85
C ILE B 158 -5.48 34.32 -15.02
N LEU B 159 -5.61 33.78 -16.24
CA LEU B 159 -5.17 34.47 -17.46
C LEU B 159 -6.28 35.40 -17.87
N PRO B 160 -5.97 36.69 -18.02
CA PRO B 160 -6.92 37.76 -18.41
C PRO B 160 -7.52 37.62 -19.82
N SER B 161 -6.94 36.68 -20.57
CA SER B 161 -7.37 36.33 -21.94
C SER B 161 -8.26 35.08 -21.86
N ALA B 162 -8.22 34.41 -20.70
CA ALA B 162 -8.98 33.20 -20.39
C ALA B 162 -9.74 33.25 -19.02
N GLN B 163 -10.43 34.34 -18.75
CA GLN B 163 -11.15 34.48 -17.51
C GLN B 163 -12.26 33.45 -17.41
N PRO B 164 -12.21 32.57 -16.41
CA PRO B 164 -13.20 31.50 -16.15
C PRO B 164 -14.64 32.01 -16.01
N ASP B 165 -15.63 31.11 -16.10
CA ASP B 165 -17.06 31.46 -15.95
C ASP B 165 -17.68 30.67 -14.83
N GLY B 166 -17.45 29.37 -14.90
CA GLY B 166 -18.04 28.45 -13.99
C GLY B 166 -18.96 27.70 -14.94
N GLU B 167 -19.14 28.19 -16.17
CA GLU B 167 -20.01 27.49 -17.13
C GLU B 167 -19.22 26.67 -18.10
N ARG B 168 -18.45 27.37 -18.93
CA ARG B 168 -17.65 26.78 -19.98
C ARG B 168 -16.13 26.95 -19.80
N ILE B 169 -15.66 28.13 -19.40
CA ILE B 169 -14.22 28.31 -19.12
C ILE B 169 -14.20 28.06 -17.60
N LEU B 170 -13.54 26.99 -17.16
CA LEU B 170 -13.54 26.56 -15.75
C LEU B 170 -12.21 26.38 -15.10
N THR B 171 -12.12 26.67 -13.81
CA THR B 171 -10.87 26.40 -13.08
C THR B 171 -11.14 25.03 -12.45
N TRP B 172 -10.14 24.40 -11.86
CA TRP B 172 -10.44 23.09 -11.30
C TRP B 172 -11.50 23.11 -10.21
N ARG B 173 -11.76 24.24 -9.55
CA ARG B 173 -12.75 24.24 -8.49
C ARG B 173 -14.17 24.32 -8.98
N GLN B 174 -14.37 24.74 -10.22
CA GLN B 174 -15.73 24.86 -10.76
C GLN B 174 -16.30 23.59 -11.39
N LEU B 175 -15.42 22.65 -11.71
CA LEU B 175 -15.87 21.40 -12.33
C LEU B 175 -17.09 20.68 -11.71
N TYR B 176 -17.08 20.52 -10.39
CA TYR B 176 -18.11 19.78 -9.67
C TYR B 176 -19.45 20.47 -9.63
N ASP B 177 -19.50 21.57 -10.39
CA ASP B 177 -20.71 22.37 -10.53
C ASP B 177 -21.39 22.09 -11.85
N LEU B 178 -20.81 21.25 -12.69
CA LEU B 178 -21.43 20.96 -13.96
C LEU B 178 -22.52 19.89 -13.88
N ASP B 179 -23.54 20.04 -14.71
CA ASP B 179 -24.66 19.12 -14.78
C ASP B 179 -24.24 17.87 -15.49
N ALA B 180 -24.10 17.93 -16.82
CA ALA B 180 -23.68 16.80 -17.66
C ALA B 180 -22.20 16.75 -18.00
N LEU B 181 -21.75 15.56 -18.32
CA LEU B 181 -20.39 15.41 -18.74
C LEU B 181 -20.19 16.26 -20.01
N PRO B 182 -19.01 16.90 -20.15
CA PRO B 182 -18.71 17.72 -21.31
C PRO B 182 -18.67 16.86 -22.56
N ASP B 183 -18.95 17.47 -23.71
CA ASP B 183 -18.92 16.79 -25.01
C ASP B 183 -17.51 16.62 -25.52
N HIS B 184 -16.68 17.61 -25.20
CA HIS B 184 -15.31 17.61 -25.62
C HIS B 184 -14.58 18.67 -24.76
N LEU B 185 -13.83 18.13 -23.79
CA LEU B 185 -13.09 18.87 -22.80
C LEU B 185 -11.74 19.22 -23.28
N ILE B 186 -11.41 20.49 -23.11
CA ILE B 186 -10.13 21.00 -23.53
C ILE B 186 -9.36 21.40 -22.28
N VAL B 187 -8.25 20.73 -22.02
CA VAL B 187 -7.47 21.09 -20.85
C VAL B 187 -6.30 21.93 -21.31
N VAL B 188 -6.14 23.10 -20.72
CA VAL B 188 -5.06 23.99 -21.08
C VAL B 188 -4.10 23.88 -19.96
N GLY B 189 -2.86 23.60 -20.25
CA GLY B 189 -1.88 23.45 -19.20
C GLY B 189 -1.53 21.98 -19.06
N SER B 190 -0.27 21.59 -19.15
CA SER B 190 0.05 20.19 -18.95
C SER B 190 0.45 20.14 -17.48
N GLY B 191 1.42 19.35 -17.10
CA GLY B 191 1.67 19.36 -15.68
C GLY B 191 0.77 18.36 -14.95
N VAL B 192 1.19 18.01 -13.72
CA VAL B 192 0.49 17.03 -12.92
C VAL B 192 -1.00 17.15 -12.70
N THR B 193 -1.52 18.33 -12.37
CA THR B 193 -2.94 18.28 -12.11
C THR B 193 -3.75 18.26 -13.39
N GLY B 194 -3.24 18.94 -14.42
CA GLY B 194 -3.88 18.93 -15.73
C GLY B 194 -3.95 17.48 -16.19
N ALA B 195 -2.85 16.74 -15.98
CA ALA B 195 -2.80 15.34 -16.32
C ALA B 195 -3.88 14.50 -15.60
N GLU B 196 -3.91 14.60 -14.27
CA GLU B 196 -4.88 13.82 -13.52
C GLU B 196 -6.32 13.98 -14.04
N PHE B 197 -6.71 15.23 -14.35
CA PHE B 197 -8.05 15.44 -14.89
C PHE B 197 -8.21 14.87 -16.29
N VAL B 198 -7.19 14.92 -17.17
CA VAL B 198 -7.28 14.34 -18.49
C VAL B 198 -7.60 12.85 -18.27
N ASP B 199 -6.89 12.20 -17.33
CA ASP B 199 -7.11 10.79 -17.07
C ASP B 199 -8.53 10.57 -16.49
N ALA B 200 -8.91 11.37 -15.51
CA ALA B 200 -10.24 11.22 -14.94
C ALA B 200 -11.38 11.35 -15.94
N TYR B 201 -11.45 12.46 -16.65
CA TYR B 201 -12.51 12.67 -17.64
C TYR B 201 -12.39 11.62 -18.74
N THR B 202 -11.17 11.16 -18.98
CA THR B 202 -11.08 10.14 -19.99
C THR B 202 -11.81 8.91 -19.47
N GLU B 203 -11.61 8.50 -18.24
CA GLU B 203 -12.27 7.31 -17.77
C GLU B 203 -13.76 7.35 -17.77
N LEU B 204 -14.35 8.56 -17.74
CA LEU B 204 -15.81 8.70 -17.81
C LEU B 204 -16.40 8.68 -19.23
N GLY B 205 -15.54 8.58 -20.27
CA GLY B 205 -15.98 8.57 -21.67
C GLY B 205 -15.98 9.95 -22.33
N VAL B 206 -15.35 10.90 -21.66
CA VAL B 206 -15.32 12.24 -22.19
C VAL B 206 -14.12 12.55 -23.08
N PRO B 207 -14.38 13.01 -24.30
CA PRO B 207 -13.29 13.33 -25.21
C PRO B 207 -12.41 14.48 -24.68
N VAL B 208 -11.11 14.23 -24.60
CA VAL B 208 -10.21 15.26 -24.13
C VAL B 208 -9.05 15.65 -25.10
N THR B 209 -8.73 16.94 -25.13
CA THR B 209 -7.65 17.42 -25.96
C THR B 209 -6.83 18.25 -24.97
N VAL B 210 -5.54 17.93 -24.85
CA VAL B 210 -4.65 18.64 -23.94
C VAL B 210 -3.86 19.69 -24.74
N VAL B 211 -3.54 20.83 -24.13
CA VAL B 211 -2.73 21.85 -24.80
C VAL B 211 -1.45 21.96 -23.98
N ALA B 212 -0.43 21.17 -24.31
CA ALA B 212 0.84 21.14 -23.58
C ALA B 212 1.89 22.11 -24.09
N SER B 213 2.84 22.48 -23.22
CA SER B 213 3.96 23.41 -23.47
C SER B 213 5.10 22.72 -24.20
N GLN B 214 5.48 21.55 -23.69
CA GLN B 214 6.53 20.73 -24.26
C GLN B 214 5.84 19.64 -25.08
N ASP B 215 6.49 18.48 -25.16
CA ASP B 215 5.99 17.38 -25.94
C ASP B 215 5.04 16.36 -25.29
N HIS B 216 5.09 16.24 -23.97
CA HIS B 216 4.28 15.28 -23.22
C HIS B 216 3.10 15.83 -22.48
N VAL B 217 1.98 15.13 -22.55
CA VAL B 217 0.77 15.55 -21.85
C VAL B 217 1.18 15.81 -20.43
N LEU B 218 2.29 15.20 -20.08
CA LEU B 218 2.85 15.31 -18.75
C LEU B 218 4.31 14.88 -18.89
N PRO B 219 5.23 15.79 -18.57
CA PRO B 219 6.65 15.46 -18.69
C PRO B 219 7.13 15.02 -17.36
N TYR B 220 7.37 13.72 -17.17
CA TYR B 220 7.84 13.26 -15.85
C TYR B 220 9.34 13.18 -15.75
N GLU B 221 9.89 13.68 -14.66
CA GLU B 221 11.35 13.60 -14.55
C GLU B 221 11.78 12.15 -14.71
N ASP B 222 10.87 11.21 -14.45
CA ASP B 222 11.27 9.83 -14.72
C ASP B 222 10.68 9.46 -16.07
N ALA B 223 11.60 9.30 -17.00
CA ALA B 223 11.28 8.99 -18.37
C ALA B 223 10.46 7.72 -18.44
N ASP B 224 11.00 6.61 -17.93
CA ASP B 224 10.29 5.37 -17.97
C ASP B 224 8.79 5.43 -17.72
N ALA B 225 8.40 6.04 -16.58
CA ALA B 225 7.01 6.19 -16.13
C ALA B 225 6.23 7.17 -17.00
N ALA B 226 6.90 8.24 -17.41
CA ALA B 226 6.29 9.23 -18.29
C ALA B 226 5.82 8.56 -19.58
N LEU B 227 6.69 7.74 -20.18
CA LEU B 227 6.38 7.03 -21.43
C LEU B 227 5.19 6.12 -21.19
N VAL B 228 5.12 5.51 -19.99
CA VAL B 228 3.99 4.65 -19.64
C VAL B 228 2.68 5.42 -19.67
N LEU B 229 2.66 6.63 -19.12
CA LEU B 229 1.44 7.42 -19.19
C LEU B 229 1.16 7.95 -20.60
N GLU B 230 2.23 8.24 -21.35
CA GLU B 230 2.02 8.75 -22.68
C GLU B 230 1.27 7.67 -23.49
N GLU B 231 1.78 6.46 -23.50
CA GLU B 231 1.15 5.36 -24.23
C GLU B 231 -0.28 5.20 -23.76
N SER B 232 -0.42 5.28 -22.43
CA SER B 232 -1.71 5.15 -21.77
C SER B 232 -2.68 6.17 -22.38
N PHE B 233 -2.21 7.41 -22.58
CA PHE B 233 -3.05 8.46 -23.10
C PHE B 233 -3.39 8.28 -24.56
N ALA B 234 -2.39 8.02 -25.40
CA ALA B 234 -2.70 7.81 -26.82
C ALA B 234 -3.71 6.66 -26.87
N GLU B 235 -3.38 5.52 -26.30
CA GLU B 235 -4.28 4.39 -26.30
C GLU B 235 -5.65 4.62 -25.70
N ARG B 236 -5.97 5.80 -25.26
CA ARG B 236 -7.26 5.98 -24.67
C ARG B 236 -7.96 7.14 -25.31
N GLY B 237 -7.35 7.66 -26.38
CA GLY B 237 -7.99 8.72 -27.13
C GLY B 237 -7.69 10.14 -26.81
N VAL B 238 -6.78 10.37 -25.88
CA VAL B 238 -6.43 11.73 -25.51
C VAL B 238 -5.80 12.35 -26.73
N ARG B 239 -6.33 13.49 -27.15
CA ARG B 239 -5.74 14.16 -28.29
C ARG B 239 -4.71 15.14 -27.71
N LEU B 240 -3.74 15.54 -28.51
CA LEU B 240 -2.74 16.40 -27.94
C LEU B 240 -2.02 17.44 -28.84
N PHE B 241 -1.98 18.69 -28.37
CA PHE B 241 -1.28 19.82 -29.02
C PHE B 241 0.06 19.99 -28.32
N LYS B 242 1.14 19.58 -28.99
CA LYS B 242 2.49 19.70 -28.46
C LYS B 242 3.01 21.15 -28.67
N ASN B 243 3.71 21.68 -27.66
CA ASN B 243 4.28 23.04 -27.65
C ASN B 243 3.28 24.12 -27.97
N ALA B 244 2.25 24.15 -27.13
CA ALA B 244 1.19 25.10 -27.25
C ALA B 244 1.03 25.96 -25.99
N ARG B 245 0.84 27.26 -26.20
CA ARG B 245 0.58 28.16 -25.09
C ARG B 245 -0.73 28.84 -25.46
N ALA B 246 -1.71 28.70 -24.55
CA ALA B 246 -3.01 29.28 -24.82
C ALA B 246 -2.91 30.79 -24.94
N ALA B 247 -3.18 31.32 -26.12
CA ALA B 247 -3.15 32.77 -26.29
C ALA B 247 -4.41 33.35 -25.70
N SER B 248 -5.52 32.64 -25.86
CA SER B 248 -6.79 33.12 -25.34
C SER B 248 -7.78 32.00 -25.27
N VAL B 249 -8.82 32.12 -24.46
CA VAL B 249 -9.85 31.10 -24.45
C VAL B 249 -11.18 31.83 -24.42
N THR B 250 -11.75 32.07 -25.59
CA THR B 250 -13.01 32.77 -25.71
C THR B 250 -14.22 31.83 -25.70
N ARG B 251 -15.38 32.39 -25.34
CA ARG B 251 -16.62 31.65 -25.28
C ARG B 251 -17.16 31.68 -26.71
N THR B 252 -17.54 30.52 -27.26
CA THR B 252 -18.03 30.44 -28.63
C THR B 252 -19.54 30.33 -28.71
N GLY B 253 -20.04 29.88 -29.86
CA GLY B 253 -21.47 29.73 -30.04
C GLY B 253 -22.01 28.75 -29.02
N ALA B 254 -21.58 27.48 -29.11
CA ALA B 254 -22.07 26.49 -28.16
C ALA B 254 -21.05 26.10 -27.09
N GLY B 255 -19.77 26.38 -27.34
CA GLY B 255 -18.77 26.01 -26.36
C GLY B 255 -17.66 27.00 -26.16
N VAL B 256 -16.42 26.51 -26.31
CA VAL B 256 -15.27 27.34 -26.15
C VAL B 256 -14.32 27.23 -27.33
N LEU B 257 -13.59 28.31 -27.59
CA LEU B 257 -12.59 28.36 -28.64
C LEU B 257 -11.26 28.71 -28.04
N VAL B 258 -10.35 27.74 -28.00
CA VAL B 258 -9.00 27.97 -27.45
C VAL B 258 -8.02 28.29 -28.57
N THR B 259 -7.45 29.48 -28.57
CA THR B 259 -6.51 29.80 -29.63
C THR B 259 -5.10 30.03 -29.09
N MET B 260 -4.11 29.30 -29.64
CA MET B 260 -2.67 29.37 -29.22
C MET B 260 -1.96 30.60 -29.70
N THR B 261 -0.69 30.70 -29.38
CA THR B 261 0.06 31.88 -29.80
C THR B 261 0.64 31.68 -31.20
N ASP B 262 0.45 30.48 -31.74
CA ASP B 262 0.98 30.12 -33.06
C ASP B 262 0.05 30.58 -34.09
N GLY B 263 -1.23 30.65 -33.71
CA GLY B 263 -2.28 30.99 -34.64
C GLY B 263 -3.20 29.78 -34.55
N ARG B 264 -2.60 28.68 -34.05
CA ARG B 264 -3.25 27.37 -33.82
C ARG B 264 -4.55 27.49 -32.98
N THR B 265 -5.57 26.67 -33.32
CA THR B 265 -6.85 26.67 -32.62
C THR B 265 -7.44 25.28 -32.41
N VAL B 266 -8.45 25.18 -31.55
CA VAL B 266 -9.11 23.93 -31.20
C VAL B 266 -10.40 24.36 -30.52
N GLU B 267 -11.51 23.78 -30.91
CA GLU B 267 -12.76 24.15 -30.25
C GLU B 267 -13.16 23.02 -29.35
N GLY B 268 -14.01 23.29 -28.37
CA GLY B 268 -14.52 22.23 -27.50
C GLY B 268 -15.76 22.69 -26.76
N SER B 269 -16.40 21.82 -25.99
CA SER B 269 -17.56 22.30 -25.25
C SER B 269 -17.11 23.03 -23.98
N HIS B 270 -15.97 22.64 -23.41
CA HIS B 270 -15.48 23.31 -22.21
C HIS B 270 -13.97 23.49 -22.18
N ALA B 271 -13.48 24.46 -21.42
CA ALA B 271 -12.03 24.60 -21.30
C ALA B 271 -11.76 24.59 -19.82
N LEU B 272 -10.78 23.78 -19.41
CA LEU B 272 -10.38 23.61 -18.02
C LEU B 272 -9.01 24.25 -17.92
N MET B 273 -8.89 25.34 -17.17
CA MET B 273 -7.59 26.02 -17.04
C MET B 273 -6.72 25.37 -15.98
N THR B 274 -5.66 24.75 -16.41
CA THR B 274 -4.80 24.07 -15.50
C THR B 274 -3.45 24.79 -15.49
N ILE B 275 -3.48 26.09 -15.22
CA ILE B 275 -2.24 26.86 -15.14
C ILE B 275 -1.77 26.76 -13.69
N GLY B 276 -0.86 27.60 -13.28
CA GLY B 276 -0.48 27.48 -11.89
C GLY B 276 -1.47 28.08 -10.93
N SER B 277 -0.92 28.46 -9.80
CA SER B 277 -1.65 29.07 -8.70
C SER B 277 -0.81 30.27 -8.20
N VAL B 278 -1.42 31.13 -7.39
CA VAL B 278 -0.78 32.32 -6.85
C VAL B 278 -0.84 32.40 -5.30
N PRO B 279 0.25 32.75 -4.63
CA PRO B 279 0.19 32.79 -3.16
C PRO B 279 -0.75 33.82 -2.61
N ASN B 280 -1.57 33.44 -1.65
CA ASN B 280 -2.51 34.37 -1.03
C ASN B 280 -1.71 35.17 -0.03
N THR B 281 -1.05 36.23 -0.46
CA THR B 281 -0.22 36.98 0.47
C THR B 281 -0.43 38.49 0.48
N SER B 282 -1.62 38.95 0.14
CA SER B 282 -1.89 40.37 0.12
C SER B 282 -2.79 40.71 1.29
N GLY B 283 -2.82 41.99 1.64
CA GLY B 283 -3.66 42.40 2.74
C GLY B 283 -3.38 41.65 4.02
N LEU B 284 -2.20 41.08 4.20
CA LEU B 284 -1.96 40.40 5.47
C LEU B 284 -1.39 41.30 6.60
N GLY B 285 -0.87 42.46 6.23
CA GLY B 285 -0.29 43.36 7.20
C GLY B 285 1.20 43.15 7.24
N LEU B 286 1.68 42.15 6.52
CA LEU B 286 3.11 41.85 6.49
C LEU B 286 3.97 43.14 6.51
N GLU B 287 3.40 44.23 6.00
CA GLU B 287 4.09 45.50 5.97
C GLU B 287 4.29 45.92 7.41
N ARG B 288 3.22 45.90 8.18
CA ARG B 288 3.29 46.35 9.56
C ARG B 288 4.41 45.74 10.39
N VAL B 289 4.95 44.63 9.94
CA VAL B 289 5.98 43.92 10.68
C VAL B 289 7.34 43.95 9.94
N GLY B 290 7.45 44.69 8.84
CA GLY B 290 8.72 44.81 8.11
C GLY B 290 9.00 43.79 7.03
N ILE B 291 8.09 42.84 6.87
CA ILE B 291 8.28 41.78 5.88
C ILE B 291 7.97 42.19 4.45
N GLN B 292 8.90 41.85 3.55
CA GLN B 292 8.72 42.10 2.13
C GLN B 292 8.57 40.76 1.43
N LEU B 293 7.50 40.62 0.65
CA LEU B 293 7.29 39.38 -0.05
C LEU B 293 8.47 39.22 -1.00
N GLY B 294 8.92 37.98 -1.22
CA GLY B 294 10.00 37.70 -2.14
C GLY B 294 9.45 37.65 -3.56
N ARG B 295 10.19 37.03 -4.47
CA ARG B 295 9.73 36.97 -5.85
C ARG B 295 8.44 36.17 -6.02
N GLY B 296 7.59 36.61 -6.95
CA GLY B 296 6.32 35.95 -7.21
C GLY B 296 5.28 36.23 -6.14
N ASN B 297 5.68 36.97 -5.10
CA ASN B 297 4.84 37.33 -3.95
C ASN B 297 4.76 36.24 -2.91
N TYR B 298 5.68 35.30 -2.96
CA TYR B 298 5.69 34.26 -1.95
C TYR B 298 6.26 34.85 -0.70
N LEU B 299 5.93 34.25 0.44
CA LEU B 299 6.46 34.72 1.71
C LEU B 299 7.68 33.83 1.91
N THR B 300 8.87 34.24 1.44
CA THR B 300 10.05 33.39 1.59
C THR B 300 10.41 33.13 3.01
N VAL B 301 10.56 31.83 3.24
CA VAL B 301 10.82 31.19 4.52
C VAL B 301 12.13 30.40 4.44
N ASP B 302 12.72 30.03 5.56
CA ASP B 302 13.99 29.29 5.52
C ASP B 302 13.76 27.80 5.69
N ARG B 303 14.75 27.09 6.21
CA ARG B 303 14.60 25.66 6.38
C ARG B 303 13.88 25.30 7.65
N VAL B 304 13.66 26.32 8.45
CA VAL B 304 12.97 26.10 9.67
C VAL B 304 11.64 26.88 9.66
N SER B 305 11.15 27.13 8.46
CA SER B 305 9.87 27.80 8.28
C SER B 305 9.71 29.20 8.77
N ARG B 306 10.81 29.91 9.00
CA ARG B 306 10.67 31.30 9.48
C ARG B 306 10.89 32.45 8.50
N THR B 307 10.07 33.48 8.68
CA THR B 307 10.13 34.65 7.85
C THR B 307 11.24 35.57 8.32
N LEU B 308 11.38 36.70 7.65
CA LEU B 308 12.47 37.61 7.97
C LEU B 308 12.18 38.48 9.23
N ALA B 309 10.94 38.42 9.75
CA ALA B 309 10.47 39.15 10.96
C ALA B 309 10.56 38.16 12.07
N THR B 310 10.84 38.58 13.30
CA THR B 310 10.95 37.61 14.42
C THR B 310 9.66 37.10 15.08
N GLY B 311 9.60 35.80 15.32
CA GLY B 311 8.40 35.25 15.92
C GLY B 311 7.36 34.98 14.84
N ILE B 312 7.62 35.36 13.61
CA ILE B 312 6.66 35.05 12.57
C ILE B 312 7.09 33.95 11.59
N TYR B 313 6.29 32.88 11.54
CA TYR B 313 6.57 31.75 10.67
C TYR B 313 5.60 31.64 9.49
N ALA B 314 6.04 30.99 8.43
CA ALA B 314 5.18 30.84 7.27
C ALA B 314 5.34 29.44 6.82
N ALA B 315 4.27 28.90 6.22
CA ALA B 315 4.23 27.52 5.74
C ALA B 315 3.18 27.25 4.66
N GLY B 316 3.48 26.21 3.86
CA GLY B 316 2.58 25.80 2.81
C GLY B 316 2.75 26.59 1.51
N ASP B 317 1.70 26.52 0.69
CA ASP B 317 1.69 27.18 -0.60
C ASP B 317 1.98 28.66 -0.60
N CYS B 318 1.70 29.37 0.49
CA CYS B 318 1.95 30.80 0.46
C CYS B 318 3.40 31.11 0.50
N THR B 319 4.21 30.11 0.84
CA THR B 319 5.66 30.27 0.94
C THR B 319 6.38 29.85 -0.32
N GLY B 320 5.70 29.15 -1.21
CA GLY B 320 6.36 28.78 -2.45
C GLY B 320 7.28 27.57 -2.57
N LEU B 321 7.64 26.88 -1.48
CA LEU B 321 8.52 25.67 -1.45
C LEU B 321 8.15 24.56 -2.41
N LEU B 322 7.00 23.93 -2.20
CA LEU B 322 6.50 22.84 -3.07
C LEU B 322 4.96 22.79 -2.88
N PRO B 323 4.20 22.83 -3.98
CA PRO B 323 2.72 22.78 -3.98
C PRO B 323 2.17 21.37 -3.69
N LEU B 324 2.46 20.89 -2.49
CA LEU B 324 1.96 19.60 -2.00
C LEU B 324 1.49 19.77 -0.58
N ALA B 325 0.32 19.25 -0.29
CA ALA B 325 -0.16 19.37 1.05
C ALA B 325 0.82 18.68 2.01
N SER B 326 1.54 17.62 1.60
CA SER B 326 2.45 17.01 2.57
C SER B 326 3.53 17.96 2.93
N VAL B 327 4.12 18.61 1.93
CA VAL B 327 5.15 19.58 2.27
C VAL B 327 4.57 20.77 3.06
N ALA B 328 3.29 21.11 2.88
CA ALA B 328 2.70 22.20 3.67
C ALA B 328 2.62 21.73 5.14
N ALA B 329 2.09 20.53 5.36
CA ALA B 329 1.99 19.99 6.69
C ALA B 329 3.36 20.03 7.46
N MET B 330 4.40 19.39 6.91
CA MET B 330 5.70 19.38 7.55
C MET B 330 6.24 20.81 7.86
N GLN B 331 6.11 21.75 6.91
CA GLN B 331 6.60 23.13 7.17
C GLN B 331 5.90 23.70 8.39
N GLY B 332 4.62 23.36 8.53
CA GLY B 332 3.88 23.85 9.67
C GLY B 332 4.34 23.07 10.87
N ARG B 333 4.44 21.77 10.73
CA ARG B 333 4.85 20.95 11.83
C ARG B 333 6.20 21.48 12.31
N ILE B 334 7.08 21.81 11.36
CA ILE B 334 8.44 22.27 11.70
C ILE B 334 8.51 23.65 12.35
N ALA B 335 7.70 24.57 11.85
CA ALA B 335 7.68 25.89 12.44
C ALA B 335 7.31 25.78 13.92
N MET B 336 6.57 24.76 14.32
CA MET B 336 6.20 24.73 15.73
C MET B 336 7.29 24.06 16.59
N TYR B 337 7.92 23.02 16.05
CA TYR B 337 8.94 22.28 16.76
C TYR B 337 10.03 23.28 17.02
N HIS B 338 10.21 24.20 16.09
CA HIS B 338 11.24 25.18 16.26
C HIS B 338 10.87 26.21 17.30
N ALA B 339 9.68 26.74 17.23
CA ALA B 339 9.32 27.75 18.16
C ALA B 339 9.11 27.26 19.54
N LEU B 340 8.80 25.98 19.67
CA LEU B 340 8.51 25.46 21.00
C LEU B 340 9.66 24.75 21.60
N GLY B 341 10.82 24.95 21.00
CA GLY B 341 12.03 24.37 21.54
C GLY B 341 12.24 22.90 21.49
N GLU B 342 11.74 22.24 20.46
CA GLU B 342 11.94 20.81 20.32
C GLU B 342 13.01 20.51 19.26
N GLY B 343 13.31 19.23 19.03
CA GLY B 343 14.30 18.90 18.02
C GLY B 343 13.83 19.43 16.68
N VAL B 344 14.70 19.94 15.82
CA VAL B 344 14.23 20.45 14.54
C VAL B 344 15.08 19.88 13.42
N SER B 345 14.46 19.35 12.36
CA SER B 345 15.21 18.76 11.26
C SER B 345 14.66 19.40 10.04
N PRO B 346 15.42 20.32 9.42
CA PRO B 346 14.97 21.01 8.22
C PRO B 346 14.47 20.08 7.15
N ILE B 347 13.51 20.59 6.38
CA ILE B 347 12.95 19.75 5.34
C ILE B 347 13.87 19.71 4.13
N ARG B 348 14.22 18.49 3.73
CA ARG B 348 15.09 18.22 2.58
C ARG B 348 14.28 17.86 1.36
N LEU B 349 14.27 18.75 0.38
CA LEU B 349 13.48 18.47 -0.79
C LEU B 349 13.65 17.10 -1.38
N ARG B 350 14.79 16.46 -1.14
CA ARG B 350 14.90 15.15 -1.73
C ARG B 350 14.39 14.01 -0.92
N THR B 351 13.54 14.29 0.08
CA THR B 351 12.90 13.22 0.86
C THR B 351 11.38 13.36 0.77
N VAL B 352 10.91 14.03 -0.26
CA VAL B 352 9.50 14.23 -0.52
C VAL B 352 8.95 13.09 -1.40
N ALA B 353 7.86 12.45 -0.99
CA ALA B 353 7.27 11.45 -1.83
C ALA B 353 6.20 12.20 -2.65
N ALA B 354 6.26 12.23 -3.98
CA ALA B 354 5.20 12.93 -4.69
C ALA B 354 4.46 11.93 -5.63
N THR B 355 3.13 12.00 -5.73
CA THR B 355 2.50 11.08 -6.62
C THR B 355 1.62 11.80 -7.58
N VAL B 356 1.52 11.24 -8.78
CA VAL B 356 0.69 11.82 -9.83
C VAL B 356 -0.44 10.84 -9.86
N PHE B 357 -1.64 11.25 -9.51
CA PHE B 357 -2.76 10.35 -9.50
C PHE B 357 -3.46 10.10 -10.85
N THR B 358 -2.78 9.40 -11.74
CA THR B 358 -3.37 9.03 -13.04
C THR B 358 -3.57 7.52 -12.96
N ARG B 359 -3.93 6.86 -14.03
CA ARG B 359 -4.10 5.40 -13.95
C ARG B 359 -3.12 4.86 -14.94
N PRO B 360 -2.03 4.25 -14.47
CA PRO B 360 -1.63 4.04 -13.08
C PRO B 360 -0.99 5.24 -12.41
N GLU B 361 -0.92 5.22 -11.07
CA GLU B 361 -0.34 6.29 -10.30
C GLU B 361 1.16 6.24 -10.44
N ILE B 362 1.76 7.40 -10.44
CA ILE B 362 3.20 7.46 -10.50
C ILE B 362 3.67 8.13 -9.22
N ALA B 363 4.51 7.43 -8.47
CA ALA B 363 5.05 8.01 -7.26
C ALA B 363 6.56 7.82 -7.19
N ALA B 364 7.23 8.84 -6.71
CA ALA B 364 8.66 8.78 -6.63
C ALA B 364 9.18 9.59 -5.44
N VAL B 365 10.34 9.20 -4.92
CA VAL B 365 11.00 9.91 -3.83
C VAL B 365 12.52 9.80 -4.03
N GLY B 366 13.28 10.86 -3.79
CA GLY B 366 14.72 10.72 -3.92
C GLY B 366 15.45 11.31 -5.13
N VAL B 367 16.65 10.81 -5.39
CA VAL B 367 17.38 11.32 -6.54
C VAL B 367 16.78 10.79 -7.85
N PRO B 368 16.43 11.68 -8.77
CA PRO B 368 15.85 11.34 -10.09
C PRO B 368 16.81 10.42 -10.84
N GLN B 369 16.32 9.65 -11.81
CA GLN B 369 17.27 8.84 -12.53
C GLN B 369 18.11 9.69 -13.44
N SER B 370 17.55 10.78 -13.96
CA SER B 370 18.36 11.64 -14.79
C SER B 370 19.65 11.93 -14.02
N VAL B 371 19.57 12.78 -13.00
CA VAL B 371 20.73 13.10 -12.17
C VAL B 371 21.72 11.94 -12.06
N ILE B 372 21.27 10.72 -11.79
CA ILE B 372 22.22 9.61 -11.68
C ILE B 372 22.86 9.33 -13.04
N ASP B 373 22.07 9.38 -14.09
CA ASP B 373 22.59 9.13 -15.42
C ASP B 373 23.33 10.35 -15.94
N ALA B 374 23.94 11.12 -15.05
CA ALA B 374 24.68 12.30 -15.47
C ALA B 374 25.90 12.42 -14.55
N GLY B 375 26.17 11.31 -13.85
CA GLY B 375 27.28 11.27 -12.93
C GLY B 375 27.26 12.30 -11.83
N SER B 376 26.17 13.05 -11.63
CA SER B 376 26.13 14.03 -10.53
C SER B 376 26.09 13.25 -9.22
N VAL B 377 25.40 12.10 -9.24
CA VAL B 377 25.26 11.23 -8.08
C VAL B 377 25.64 9.84 -8.50
N ALA B 378 26.57 9.25 -7.77
CA ALA B 378 26.96 7.90 -8.06
C ALA B 378 25.90 7.15 -7.32
N ALA B 379 25.56 5.96 -7.82
CA ALA B 379 24.50 5.16 -7.26
C ALA B 379 24.38 3.95 -8.14
N ARG B 380 23.72 2.91 -7.65
CA ARG B 380 23.47 1.73 -8.47
C ARG B 380 21.94 1.86 -8.68
N THR B 381 21.38 1.28 -9.75
CA THR B 381 19.93 1.36 -9.92
C THR B 381 19.31 0.09 -10.41
N ILE B 382 18.02 -0.08 -10.17
CA ILE B 382 17.35 -1.26 -10.68
C ILE B 382 15.91 -0.93 -11.06
N MET B 383 15.45 -1.60 -12.10
CA MET B 383 14.08 -1.45 -12.52
C MET B 383 13.51 -2.86 -12.59
N LEU B 384 12.59 -3.17 -11.68
CA LEU B 384 11.93 -4.48 -11.66
C LEU B 384 10.52 -4.38 -12.28
N PRO B 385 10.28 -5.12 -13.33
CA PRO B 385 8.93 -5.01 -13.89
C PRO B 385 7.93 -5.71 -13.02
N LEU B 386 6.85 -5.03 -12.64
CA LEU B 386 5.85 -5.69 -11.81
C LEU B 386 5.07 -6.90 -12.42
N ARG B 387 5.16 -7.13 -13.74
CA ARG B 387 4.42 -8.24 -14.36
C ARG B 387 4.75 -9.62 -13.85
N THR B 388 5.98 -9.83 -13.39
CA THR B 388 6.35 -11.12 -12.88
C THR B 388 5.80 -11.33 -11.48
N ASN B 389 5.23 -10.29 -10.91
CA ASN B 389 4.71 -10.39 -9.55
C ASN B 389 3.24 -10.94 -9.52
N ALA B 390 2.97 -11.95 -8.69
CA ALA B 390 1.63 -12.54 -8.66
C ALA B 390 0.51 -11.57 -8.24
N ARG B 391 0.77 -10.64 -7.31
CA ARG B 391 -0.31 -9.69 -6.91
C ARG B 391 -0.66 -8.80 -8.13
N ALA B 392 0.37 -8.37 -8.85
CA ALA B 392 0.22 -7.57 -10.07
C ALA B 392 -0.71 -8.32 -11.01
N LYS B 393 -0.40 -9.59 -11.18
CA LYS B 393 -1.14 -10.44 -12.05
C LYS B 393 -2.59 -10.46 -11.59
N MET B 394 -2.83 -10.58 -10.29
CA MET B 394 -4.24 -10.63 -9.88
C MET B 394 -4.93 -9.27 -10.12
N SER B 395 -4.18 -8.19 -10.17
CA SER B 395 -4.76 -6.86 -10.40
C SER B 395 -4.63 -6.46 -11.89
N GLU B 396 -4.34 -7.45 -12.74
CA GLU B 396 -4.17 -7.25 -14.17
C GLU B 396 -3.41 -5.97 -14.52
N MET B 397 -2.23 -5.80 -13.90
CA MET B 397 -1.33 -4.70 -14.14
C MET B 397 -0.41 -5.15 -15.24
N ARG B 398 -0.22 -4.28 -16.22
CA ARG B 398 0.60 -4.68 -17.35
C ARG B 398 1.97 -3.94 -17.60
N HIS B 399 2.05 -2.66 -17.27
CA HIS B 399 3.29 -1.94 -17.50
C HIS B 399 3.95 -1.25 -16.29
N GLY B 400 3.50 -1.65 -15.08
CA GLY B 400 4.01 -1.11 -13.83
C GLY B 400 5.34 -1.72 -13.45
N PHE B 401 6.14 -0.96 -12.73
CA PHE B 401 7.48 -1.46 -12.37
C PHE B 401 7.89 -0.80 -11.07
N VAL B 402 8.96 -1.29 -10.44
CA VAL B 402 9.48 -0.64 -9.22
C VAL B 402 10.92 -0.31 -9.54
N LYS B 403 11.33 0.93 -9.34
CA LYS B 403 12.73 1.32 -9.51
C LYS B 403 13.36 1.69 -8.15
N ILE B 404 14.60 1.30 -7.92
CA ILE B 404 15.25 1.68 -6.67
C ILE B 404 16.68 2.12 -6.95
N PHE B 405 17.13 3.20 -6.29
CA PHE B 405 18.49 3.78 -6.50
C PHE B 405 19.32 3.85 -5.23
N CYS B 406 20.39 3.10 -5.11
CA CYS B 406 21.15 3.19 -3.88
C CYS B 406 22.57 3.70 -4.07
N ARG B 407 23.19 4.26 -3.03
CA ARG B 407 24.56 4.76 -3.15
C ARG B 407 25.47 3.59 -3.58
N ARG B 408 26.58 3.85 -4.26
CA ARG B 408 27.43 2.72 -4.75
C ARG B 408 28.18 1.92 -3.74
N SER B 409 28.68 2.63 -2.76
CA SER B 409 29.50 2.10 -1.75
C SER B 409 28.77 1.55 -0.57
N THR B 410 27.75 2.27 -0.10
CA THR B 410 27.04 1.81 1.09
C THR B 410 25.72 1.01 0.94
N GLY B 411 25.06 1.09 -0.20
CA GLY B 411 23.81 0.39 -0.38
C GLY B 411 22.65 1.19 0.20
N VAL B 412 22.94 2.42 0.65
CA VAL B 412 21.92 3.30 1.21
C VAL B 412 20.94 3.71 0.14
N VAL B 413 19.68 3.41 0.37
CA VAL B 413 18.64 3.72 -0.55
C VAL B 413 18.54 5.24 -0.74
N ILE B 414 18.55 5.74 -2.00
CA ILE B 414 18.46 7.18 -2.26
C ILE B 414 17.30 7.67 -3.18
N GLY B 415 16.45 6.76 -3.64
CA GLY B 415 15.31 7.18 -4.46
C GLY B 415 14.60 5.94 -4.94
N GLY B 416 13.47 6.10 -5.61
CA GLY B 416 12.76 4.98 -6.15
C GLY B 416 11.59 5.56 -6.91
N VAL B 417 11.04 4.76 -7.81
CA VAL B 417 9.90 5.24 -8.58
C VAL B 417 9.01 4.03 -8.58
N VAL B 418 7.70 4.25 -8.53
CA VAL B 418 6.76 3.16 -8.56
C VAL B 418 5.64 3.63 -9.45
N VAL B 419 5.23 2.70 -10.28
CA VAL B 419 4.18 2.90 -11.22
C VAL B 419 3.33 1.70 -11.01
N ALA B 420 2.28 1.86 -10.24
CA ALA B 420 1.35 0.79 -10.04
C ALA B 420 0.00 1.44 -9.64
N PRO B 421 -1.06 0.63 -9.43
CA PRO B 421 -2.36 1.18 -9.05
C PRO B 421 -2.40 1.89 -7.69
N ILE B 422 -1.50 1.49 -6.79
CA ILE B 422 -1.47 2.17 -5.50
C ILE B 422 -0.07 2.71 -5.25
N ALA B 423 0.59 3.20 -6.29
CA ALA B 423 1.94 3.72 -6.09
C ALA B 423 1.91 4.72 -4.93
N SER B 424 0.81 5.45 -4.75
CA SER B 424 0.77 6.43 -3.64
C SER B 424 1.05 5.84 -2.26
N GLU B 425 0.72 4.56 -2.06
CA GLU B 425 0.98 3.83 -0.78
C GLU B 425 2.33 3.07 -0.87
N LEU B 426 2.58 2.33 -1.96
CA LEU B 426 3.86 1.61 -2.08
C LEU B 426 5.09 2.49 -1.93
N ILE B 427 4.98 3.79 -2.15
CA ILE B 427 6.14 4.66 -2.05
C ILE B 427 6.62 4.92 -0.62
N LEU B 428 5.69 4.87 0.36
CA LEU B 428 6.06 5.16 1.75
C LEU B 428 7.33 4.49 2.21
N PRO B 429 7.40 3.15 2.08
CA PRO B 429 8.52 2.30 2.47
C PRO B 429 9.81 2.80 1.87
N ILE B 430 9.83 3.20 0.59
CA ILE B 430 11.05 3.72 -0.02
C ILE B 430 11.33 5.13 0.58
N ALA B 431 10.29 5.92 0.84
CA ALA B 431 10.52 7.23 1.43
C ALA B 431 11.27 7.14 2.78
N VAL B 432 10.83 6.28 3.70
CA VAL B 432 11.48 6.17 4.99
C VAL B 432 12.90 5.71 4.83
N ALA B 433 13.14 4.85 3.84
CA ALA B 433 14.51 4.37 3.54
C ALA B 433 15.40 5.57 3.12
N VAL B 434 14.92 6.40 2.20
CA VAL B 434 15.65 7.55 1.76
C VAL B 434 15.86 8.53 2.92
N GLN B 435 14.78 8.78 3.67
CA GLN B 435 14.72 9.69 4.81
C GLN B 435 15.52 9.28 6.05
N ASN B 436 15.78 7.99 6.22
CA ASN B 436 16.52 7.49 7.38
C ASN B 436 17.78 6.65 6.98
N ARG B 437 18.38 6.92 5.82
CA ARG B 437 19.56 6.19 5.34
C ARG B 437 19.57 4.66 5.57
N ILE B 438 18.46 4.03 5.22
CA ILE B 438 18.31 2.60 5.32
C ILE B 438 19.00 1.93 4.13
N THR B 439 19.68 0.83 4.38
CA THR B 439 20.43 0.17 3.34
C THR B 439 19.57 -0.86 2.50
N VAL B 440 19.93 -1.14 1.25
CA VAL B 440 19.09 -2.06 0.55
C VAL B 440 19.21 -3.42 1.23
N ASN B 441 20.36 -3.63 1.88
CA ASN B 441 20.56 -4.87 2.66
C ASN B 441 19.44 -4.98 3.75
N GLU B 442 19.24 -3.91 4.52
CA GLU B 442 18.23 -3.85 5.57
C GLU B 442 16.83 -4.03 5.00
N LEU B 443 16.62 -3.39 3.86
CA LEU B 443 15.35 -3.49 3.22
C LEU B 443 15.13 -4.94 2.76
N ALA B 444 16.16 -5.56 2.18
CA ALA B 444 16.00 -6.91 1.64
C ALA B 444 15.74 -7.90 2.72
N GLN B 445 15.89 -7.45 3.96
CA GLN B 445 15.71 -8.26 5.13
C GLN B 445 14.34 -8.28 5.71
N THR B 446 13.55 -7.26 5.39
CA THR B 446 12.20 -7.15 5.87
C THR B 446 11.33 -8.21 5.21
N LEU B 447 10.65 -8.98 6.06
CA LEU B 447 9.83 -10.06 5.60
C LEU B 447 8.53 -9.51 5.14
N ALA B 448 8.47 -9.05 3.89
CA ALA B 448 7.24 -8.54 3.38
C ALA B 448 6.26 -9.67 3.12
N VAL B 449 4.96 -9.33 3.15
CA VAL B 449 3.82 -10.20 2.86
C VAL B 449 3.83 -10.75 1.41
N TYR B 450 3.58 -12.05 1.26
CA TYR B 450 3.44 -12.70 -0.04
C TYR B 450 1.99 -13.21 -0.16
N PRO B 451 1.32 -12.99 -1.29
CA PRO B 451 1.60 -12.32 -2.56
C PRO B 451 1.24 -10.84 -2.38
N SER B 452 2.21 -9.93 -2.57
CA SER B 452 1.95 -8.50 -2.43
C SER B 452 2.81 -7.76 -3.42
N LEU B 453 2.40 -6.53 -3.72
CA LEU B 453 3.14 -5.75 -4.66
C LEU B 453 4.41 -5.30 -4.03
N SER B 454 4.35 -5.08 -2.72
CA SER B 454 5.49 -4.61 -1.94
C SER B 454 6.63 -5.60 -1.80
N GLY B 455 6.39 -6.87 -2.10
CA GLY B 455 7.45 -7.88 -2.03
C GLY B 455 8.38 -7.68 -3.23
N SER B 456 7.90 -6.86 -4.15
CA SER B 456 8.69 -6.54 -5.34
C SER B 456 9.66 -5.37 -4.98
N ILE B 457 9.31 -4.63 -3.92
CA ILE B 457 10.14 -3.55 -3.44
C ILE B 457 11.33 -4.25 -2.76
N THR B 458 10.98 -5.24 -1.92
CA THR B 458 11.92 -6.06 -1.16
C THR B 458 12.92 -6.77 -2.09
N GLU B 459 12.47 -7.35 -3.20
CA GLU B 459 13.42 -7.97 -4.13
C GLU B 459 14.22 -6.92 -4.93
N ALA B 460 13.61 -5.76 -5.26
CA ALA B 460 14.35 -4.77 -6.05
C ALA B 460 15.64 -4.48 -5.28
N ALA B 461 15.47 -4.27 -3.98
CA ALA B 461 16.56 -4.00 -3.09
C ALA B 461 17.45 -5.23 -2.89
N ARG B 462 16.84 -6.40 -2.71
CA ARG B 462 17.64 -7.60 -2.53
C ARG B 462 18.65 -7.67 -3.69
N ARG B 463 18.20 -7.35 -4.91
CA ARG B 463 19.06 -7.38 -6.09
C ARG B 463 20.18 -6.40 -6.19
N LEU B 464 20.11 -5.28 -5.44
CA LEU B 464 21.14 -4.24 -5.39
C LEU B 464 22.18 -4.54 -4.30
N MET B 465 22.03 -5.63 -3.57
CA MET B 465 22.98 -5.87 -2.51
C MET B 465 24.36 -6.10 -3.04
N ALA B 466 25.38 -5.57 -2.35
CA ALA B 466 26.79 -5.71 -2.77
C ALA B 466 27.81 -5.19 -1.71
PA FAD C . 5.55 -25.65 -0.99
O1A FAD C . 4.40 -26.41 -0.34
O2A FAD C . 5.19 -24.32 -1.64
O5B FAD C . 6.13 -26.62 -2.00
C5B FAD C . 7.17 -27.58 -1.82
C4B FAD C . 7.12 -28.26 -3.16
O4B FAD C . 8.10 -29.26 -3.29
C3B FAD C . 5.74 -29.00 -3.60
O3B FAD C . 4.88 -28.19 -4.41
C2B FAD C . 6.14 -30.23 -4.26
O2B FAD C . 6.02 -30.32 -5.68
C1B FAD C . 7.59 -30.44 -3.90
N9A FAD C . 7.94 -31.61 -3.21
C8A FAD C . 7.42 -32.29 -2.13
N7A FAD C . 8.06 -33.38 -1.82
C5A FAD C . 9.08 -33.43 -2.73
C6A FAD C . 10.13 -34.33 -2.98
N6A FAD C . 10.33 -35.41 -2.26
N1A FAD C . 10.99 -34.06 -4.02
C2A FAD C . 10.84 -32.97 -4.80
N3A FAD C . 9.84 -32.03 -4.62
C4A FAD C . 9.00 -32.41 -3.52
N1 FAD C . 1.43 -17.97 2.77
C2 FAD C . 1.59 -16.62 2.63
O2 FAD C . 2.70 -16.07 2.85
N3 FAD C . 0.52 -15.86 2.23
C4 FAD C . -0.73 -16.33 1.94
O4 FAD C . -1.61 -15.54 1.58
C4X FAD C . -0.89 -17.64 2.08
N5 FAD C . -2.19 -18.15 1.78
C5X FAD C . -2.35 -19.55 1.92
C6 FAD C . -3.60 -20.15 1.62
C7 FAD C . -3.83 -21.54 1.75
C7M FAD C . -5.21 -22.14 1.40
C8 FAD C . -2.76 -22.36 2.22
C8M FAD C . -2.90 -23.86 2.41
C9 FAD C . -1.53 -21.81 2.50
C9A FAD C . -1.28 -20.45 2.35
N10 FAD C . 0.02 -19.81 2.63
C10 FAD C . 0.20 -18.46 2.49
C1' FAD C . 1.07 -20.67 3.01
C2' FAD C . 2.16 -20.84 2.00
O2' FAD C . 1.56 -21.29 0.73
C3' FAD C . 3.21 -21.84 2.43
O3' FAD C . 3.89 -21.31 3.54
C4' FAD C . 4.30 -22.10 1.41
O4' FAD C . 3.54 -22.70 0.29
C5' FAD C . 5.28 -23.13 1.72
O5' FAD C . 6.27 -23.13 0.70
P FAD C . 7.40 -24.21 0.59
O1P FAD C . 8.21 -23.76 -0.49
O2P FAD C . 8.08 -24.52 1.86
O3P FAD C . 6.55 -25.44 0.19
PA FAD D . -4.53 25.86 1.72
O1A FAD D . -4.63 26.28 0.29
O2A FAD D . -4.95 24.48 2.06
O5B FAD D . -5.45 26.80 2.56
C5B FAD D . -5.12 27.99 3.24
C4B FAD D . -6.45 28.43 3.80
O4B FAD D . -6.38 29.59 4.63
C3B FAD D . -7.60 28.74 2.81
O3B FAD D . -8.33 27.55 2.54
C2B FAD D . -8.40 29.81 3.45
O2B FAD D . -9.59 29.45 4.15
C1B FAD D . -7.47 30.45 4.42
N9A FAD D . -7.01 31.80 4.29
C8A FAD D . -6.43 32.55 3.26
N7A FAD D . -6.16 33.80 3.61
C5A FAD D . -6.59 33.89 4.95
C6A FAD D . -6.61 34.93 5.94
N6A FAD D . -6.13 36.16 5.75
N1A FAD D . -7.14 34.64 7.20
C2A FAD D . -7.64 33.41 7.49
N3A FAD D . -7.66 32.34 6.59
C4A FAD D . -7.08 32.74 5.31
N1 FAD D . -1.03 18.21 -2.75
C2 FAD D . -0.72 16.95 -2.33
O2 FAD D . 0.11 16.75 -1.44
N3 FAD D . -1.37 15.88 -2.91
C4 FAD D . -2.33 15.97 -3.93
O4 FAD D . -2.83 14.92 -4.38
C4X FAD D . -2.64 17.23 -4.34
N5 FAD D . -3.63 17.35 -5.37
C5X FAD D . -3.96 18.68 -5.80
C6 FAD D . -4.93 18.91 -6.80
C7 FAD D . -5.29 20.23 -7.26
C7M FAD D . -6.34 20.41 -8.34
C8 FAD D . -4.65 21.33 -6.66
C8M FAD D . -4.97 22.76 -7.03
C9 FAD D . -3.69 21.16 -5.68
C9A FAD D . -3.31 19.89 -5.22
N10 FAD D . -2.29 19.62 -4.16
C10 FAD D . -1.98 18.34 -3.74
C1' FAD D . -1.64 20.76 -3.56
C2' FAD D . -2.11 21.06 -2.20
O2' FAD D . -3.54 21.28 -2.34
C3' FAD D . -1.52 22.28 -1.55
O3' FAD D . -0.15 22.03 -1.38
C4' FAD D . -1.97 22.57 -0.13
O4' FAD D . -3.41 22.83 -0.28
C5' FAD D . -1.51 23.81 0.47
O5' FAD D . -1.98 23.86 1.79
P FAD D . -1.89 25.11 2.69
O1P FAD D . -2.34 24.67 4.00
O2P FAD D . -0.56 25.77 2.58
O3P FAD D . -2.97 26.03 2.01
#